data_9BYI
#
_entry.id   9BYI
#
_cell.length_a   1.00
_cell.length_b   1.00
_cell.length_c   1.00
_cell.angle_alpha   90.00
_cell.angle_beta   90.00
_cell.angle_gamma   90.00
#
_symmetry.space_group_name_H-M   'P 1'
#
loop_
_entity.id
_entity.type
_entity.pdbx_description
1 polymer 'Potassium channel subfamily K member 13'
2 non-polymer HEXANE
3 non-polymer DODECANE
4 non-polymer N-OCTANE
5 non-polymer HEXADECANE
6 non-polymer 'LINOLEIC ACID'
7 non-polymer 'POTASSIUM ION'
#
_entity_poly.entity_id   1
_entity_poly.type   'polypeptide(L)'
_entity_poly.pdbx_seq_one_letter_code
;MAGRGFSWGPGHLNEDNARFLLLAALIVLYLLGGAAVFSALELAHERQAKQRWEERLAQFSRGHQLSRDELRGFLRHYEE
ATRAGIRVDNVRPRWDFTGAFYFVGTVVSTIGFGMTTPATVGGKIFLIFYGLVGCSSTILFFNLFLERLITIIAYIMKSC
HQRQLRRRGALPQESLKDAGQCEVDSLAGWKPSVYYVMLILCTASILISCCASAMYTPIEGWSYFDSLYFCFVAFSTIGF
GDLVSSQNAHYESQGLYRFANFVFILMGVCCIYSLFNVISILIKQSLNWILRKMDSGCCPQCQRGLLRSRRNVVMPGSVR
NRCNISIETDGVAESDTDGRRLSGEMISMK
;
_entity_poly.pdbx_strand_id   U,A
#
loop_
_chem_comp.id
_chem_comp.type
_chem_comp.name
_chem_comp.formula
D12 non-polymer DODECANE 'C12 H26'
EIC non-polymer 'LINOLEIC ACID' 'C18 H32 O2'
HEX non-polymer HEXANE 'C6 H14'
K non-polymer 'POTASSIUM ION' 'K 1'
OCT non-polymer N-OCTANE 'C8 H18'
R16 non-polymer HEXADECANE 'C16 H34'
#
# COMPACT_ATOMS: atom_id res chain seq x y z
N ASN A 14 20.88 21.59 -17.61
CA ASN A 14 19.62 22.14 -18.07
C ASN A 14 18.75 21.04 -18.67
N GLU A 15 19.38 19.94 -19.07
CA GLU A 15 18.63 18.81 -19.62
C GLU A 15 17.82 18.11 -18.53
N ASP A 16 18.42 17.90 -17.36
CA ASP A 16 17.73 17.19 -16.29
C ASP A 16 16.51 17.94 -15.82
N ASN A 17 16.59 19.27 -15.72
CA ASN A 17 15.43 20.06 -15.31
C ASN A 17 14.31 19.94 -16.32
N ALA A 18 14.65 19.96 -17.62
CA ALA A 18 13.64 19.80 -18.64
C ALA A 18 12.97 18.44 -18.56
N ARG A 19 13.76 17.39 -18.33
CA ARG A 19 13.19 16.06 -18.18
C ARG A 19 12.25 15.99 -16.99
N PHE A 20 12.66 16.58 -15.86
CA PHE A 20 11.82 16.58 -14.67
C PHE A 20 10.49 17.29 -14.93
N LEU A 21 10.55 18.48 -15.54
CA LEU A 21 9.34 19.24 -15.81
C LEU A 21 8.41 18.49 -16.77
N LEU A 22 8.98 17.89 -17.83
CA LEU A 22 8.16 17.16 -18.78
C LEU A 22 7.46 15.99 -18.11
N LEU A 23 8.18 15.24 -17.27
CA LEU A 23 7.57 14.11 -16.58
C LEU A 23 6.45 14.59 -15.66
N ALA A 24 6.65 15.69 -14.94
CA ALA A 24 5.61 16.19 -14.06
C ALA A 24 4.35 16.55 -14.84
N ALA A 25 4.51 17.27 -15.95
CA ALA A 25 3.35 17.67 -16.74
C ALA A 25 2.61 16.45 -17.28
N LEU A 26 3.35 15.45 -17.79
CA LEU A 26 2.70 14.26 -18.31
C LEU A 26 1.92 13.54 -17.22
N ILE A 27 2.50 13.44 -16.02
CA ILE A 27 1.79 12.77 -14.93
C ILE A 27 0.51 13.50 -14.57
N VAL A 28 0.55 14.83 -14.54
CA VAL A 28 -0.66 15.59 -14.20
C VAL A 28 -1.76 15.34 -15.24
N LEU A 29 -1.40 15.37 -16.52
CA LEU A 29 -2.41 15.10 -17.55
C LEU A 29 -2.98 13.69 -17.40
N TYR A 30 -2.11 12.72 -17.10
CA TYR A 30 -2.56 11.34 -16.91
C TYR A 30 -3.59 11.26 -15.78
N LEU A 31 -3.32 11.94 -14.67
CA LEU A 31 -4.25 11.89 -13.54
C LEU A 31 -5.60 12.49 -13.92
N LEU A 32 -5.59 13.64 -14.61
CA LEU A 32 -6.86 14.26 -14.98
C LEU A 32 -7.68 13.35 -15.87
N GLY A 33 -7.04 12.75 -16.88
CA GLY A 33 -7.77 11.85 -17.76
C GLY A 33 -8.34 10.65 -17.04
N GLY A 34 -7.55 10.04 -16.14
CA GLY A 34 -8.03 8.89 -15.41
C GLY A 34 -9.24 9.22 -14.55
N ALA A 35 -9.20 10.36 -13.85
CA ALA A 35 -10.35 10.75 -13.05
C ALA A 35 -11.59 10.94 -13.92
N ALA A 36 -11.41 11.60 -15.07
CA ALA A 36 -12.55 11.83 -15.95
C ALA A 36 -13.19 10.51 -16.39
N VAL A 37 -12.37 9.50 -16.69
CA VAL A 37 -12.94 8.23 -17.12
C VAL A 37 -13.65 7.51 -15.96
N PHE A 38 -12.99 7.47 -14.79
CA PHE A 38 -13.52 6.68 -13.69
C PHE A 38 -14.86 7.21 -13.19
N SER A 39 -15.01 8.55 -13.12
CA SER A 39 -16.28 9.09 -12.65
C SER A 39 -17.43 8.62 -13.52
N ALA A 40 -17.27 8.75 -14.84
CA ALA A 40 -18.31 8.32 -15.77
C ALA A 40 -18.55 6.83 -15.69
N LEU A 41 -17.52 6.05 -15.31
CA LEU A 41 -17.75 4.62 -15.20
C LEU A 41 -18.54 4.23 -13.95
N GLU A 42 -18.40 4.96 -12.84
CA GLU A 42 -18.89 4.45 -11.56
C GLU A 42 -20.07 5.21 -10.93
N LEU A 43 -20.37 6.43 -11.38
CA LEU A 43 -21.31 7.26 -10.63
C LEU A 43 -22.70 6.63 -10.54
N ALA A 44 -23.22 6.09 -11.65
CA ALA A 44 -24.59 5.59 -11.65
C ALA A 44 -24.76 4.40 -10.71
N HIS A 45 -23.79 3.48 -10.73
CA HIS A 45 -23.84 2.35 -9.81
C HIS A 45 -23.82 2.81 -8.36
N GLU A 46 -22.98 3.81 -8.06
CA GLU A 46 -22.95 4.32 -6.69
C GLU A 46 -24.33 4.85 -6.27
N ARG A 47 -24.95 5.64 -7.15
CA ARG A 47 -26.25 6.22 -6.81
C ARG A 47 -27.31 5.14 -6.59
N GLN A 48 -27.32 4.12 -7.46
CA GLN A 48 -28.31 3.05 -7.31
C GLN A 48 -28.11 2.32 -5.99
N ALA A 49 -26.86 2.04 -5.61
CA ALA A 49 -26.62 1.37 -4.34
C ALA A 49 -27.11 2.20 -3.17
N LYS A 50 -26.85 3.50 -3.21
CA LYS A 50 -27.30 4.37 -2.12
C LYS A 50 -28.83 4.33 -1.98
N GLN A 51 -29.54 4.46 -3.10
CA GLN A 51 -31.01 4.42 -3.02
C GLN A 51 -31.51 3.06 -2.53
N ARG A 52 -30.84 1.98 -2.92
CA ARG A 52 -31.24 0.66 -2.43
C ARG A 52 -31.10 0.59 -0.91
N TRP A 53 -29.99 1.07 -0.38
CA TRP A 53 -29.81 1.04 1.07
C TRP A 53 -30.86 1.89 1.78
N GLU A 54 -31.17 3.07 1.21
CA GLU A 54 -32.18 3.92 1.83
C GLU A 54 -33.53 3.21 1.90
N GLU A 55 -33.93 2.56 0.82
CA GLU A 55 -35.21 1.86 0.83
C GLU A 55 -35.22 0.71 1.84
N ARG A 56 -34.13 -0.05 1.91
CA ARG A 56 -34.07 -1.15 2.87
C ARG A 56 -34.16 -0.64 4.31
N LEU A 57 -33.44 0.45 4.60
CA LEU A 57 -33.49 1.01 5.95
C LEU A 57 -34.90 1.49 6.30
N ALA A 58 -35.57 2.16 5.36
CA ALA A 58 -36.93 2.60 5.64
C ALA A 58 -37.85 1.41 5.90
N GLN A 59 -37.71 0.34 5.12
CA GLN A 59 -38.58 -0.82 5.33
C GLN A 59 -38.33 -1.44 6.70
N PHE A 60 -37.06 -1.56 7.10
CA PHE A 60 -36.78 -2.16 8.40
C PHE A 60 -37.30 -1.28 9.52
N SER A 61 -37.09 0.04 9.42
CA SER A 61 -37.53 0.92 10.49
C SER A 61 -39.04 1.03 10.53
N ARG A 62 -39.72 0.59 9.48
CA ARG A 62 -41.17 0.68 9.40
C ARG A 62 -41.83 -0.58 9.93
N GLY A 63 -41.25 -1.74 9.67
CA GLY A 63 -41.88 -2.98 10.08
C GLY A 63 -41.93 -3.18 11.59
N HIS A 64 -40.85 -2.82 12.28
CA HIS A 64 -40.72 -3.06 13.72
C HIS A 64 -41.01 -1.82 14.55
N GLN A 65 -41.62 -0.79 13.96
CA GLN A 65 -42.01 0.43 14.66
C GLN A 65 -40.92 0.91 15.63
N LEU A 66 -39.69 0.95 15.12
CA LEU A 66 -38.58 1.52 15.87
C LEU A 66 -38.51 3.02 15.61
N SER A 67 -37.50 3.67 16.18
CA SER A 67 -37.23 5.07 15.93
C SER A 67 -36.09 5.18 14.93
N ARG A 68 -35.62 6.41 14.69
CA ARG A 68 -34.50 6.63 13.79
C ARG A 68 -33.17 6.85 14.50
N ASP A 69 -33.19 7.46 15.69
CA ASP A 69 -31.94 7.71 16.40
C ASP A 69 -31.38 6.45 17.05
N GLU A 70 -32.27 5.58 17.54
CA GLU A 70 -31.80 4.36 18.19
C GLU A 70 -31.05 3.46 17.22
N LEU A 71 -31.58 3.34 15.99
CA LEU A 71 -30.85 2.58 14.98
C LEU A 71 -29.52 3.22 14.65
N ARG A 72 -29.43 4.55 14.70
CA ARG A 72 -28.15 5.21 14.48
C ARG A 72 -27.15 4.86 15.57
N GLY A 73 -27.59 4.85 16.82
CA GLY A 73 -26.69 4.45 17.90
C GLY A 73 -26.27 3.00 17.79
N PHE A 74 -27.20 2.12 17.41
CA PHE A 74 -26.88 0.72 17.21
C PHE A 74 -25.83 0.56 16.11
N LEU A 75 -26.00 1.28 15.01
CA LEU A 75 -25.05 1.19 13.91
C LEU A 75 -23.70 1.77 14.29
N ARG A 76 -23.67 2.82 15.12
CA ARG A 76 -22.40 3.35 15.58
C ARG A 76 -21.65 2.34 16.45
N HIS A 77 -22.38 1.67 17.35
CA HIS A 77 -21.77 0.61 18.14
C HIS A 77 -21.25 -0.51 17.25
N TYR A 78 -22.01 -0.87 16.21
CA TYR A 78 -21.56 -1.91 15.30
C TYR A 78 -20.33 -1.48 14.52
N GLU A 79 -20.23 -0.21 14.15
CA GLU A 79 -19.03 0.27 13.48
C GLU A 79 -17.81 0.15 14.38
N GLU A 80 -17.97 0.53 15.66
CA GLU A 80 -16.86 0.36 16.59
C GLU A 80 -16.47 -1.11 16.73
N ALA A 81 -17.48 -1.99 16.82
CA ALA A 81 -17.19 -3.41 16.95
C ALA A 81 -16.47 -3.95 15.72
N THR A 82 -16.91 -3.55 14.52
CA THR A 82 -16.27 -4.04 13.32
C THR A 82 -14.88 -3.45 13.14
N ARG A 83 -14.61 -2.32 13.81
CA ARG A 83 -13.26 -1.79 13.79
C ARG A 83 -12.37 -2.62 14.71
N ALA A 84 -12.93 -3.06 15.84
CA ALA A 84 -12.17 -3.91 16.76
C ALA A 84 -11.81 -5.25 16.13
N GLY A 85 -12.69 -5.79 15.29
CA GLY A 85 -12.42 -7.05 14.62
C GLY A 85 -13.59 -7.99 14.51
N ILE A 86 -14.74 -7.59 15.02
CA ILE A 86 -15.95 -8.41 14.97
C ILE A 86 -16.55 -8.33 13.57
N ARG A 87 -17.02 -9.48 13.08
CA ARG A 87 -17.67 -9.53 11.77
C ARG A 87 -18.87 -10.47 11.84
N VAL A 88 -19.80 -10.29 10.89
CA VAL A 88 -21.03 -11.07 10.89
C VAL A 88 -20.74 -12.55 10.66
N ASP A 89 -19.85 -12.85 9.72
CA ASP A 89 -19.43 -14.22 9.47
C ASP A 89 -18.26 -14.58 10.38
N ASN A 90 -18.15 -15.86 10.70
CA ASN A 90 -17.06 -16.31 11.56
C ASN A 90 -15.72 -16.07 10.87
N VAL A 91 -14.79 -15.46 11.60
CA VAL A 91 -13.46 -15.17 11.10
C VAL A 91 -12.43 -15.60 12.13
N ARG A 92 -11.19 -15.76 11.66
CA ARG A 92 -10.11 -16.13 12.55
C ARG A 92 -9.82 -14.99 13.52
N PRO A 93 -9.40 -15.31 14.74
CA PRO A 93 -9.10 -14.25 15.71
C PRO A 93 -7.89 -13.44 15.29
N ARG A 94 -7.91 -12.17 15.66
CA ARG A 94 -6.78 -11.28 15.44
C ARG A 94 -5.79 -11.38 16.60
N TRP A 95 -4.60 -10.79 16.38
CA TRP A 95 -3.59 -10.66 17.48
C TRP A 95 -3.17 -11.99 18.09
N ASP A 96 -3.25 -13.09 17.33
CA ASP A 96 -2.69 -14.36 17.85
C ASP A 96 -1.37 -14.55 17.11
N PHE A 97 -0.61 -15.61 17.40
CA PHE A 97 0.71 -15.71 16.79
C PHE A 97 0.61 -15.72 15.27
N THR A 98 -0.34 -16.47 14.72
CA THR A 98 -0.48 -16.52 13.27
C THR A 98 -1.02 -15.22 12.71
N GLY A 99 -2.00 -14.61 13.38
CA GLY A 99 -2.52 -13.33 12.94
C GLY A 99 -1.46 -12.24 12.99
N ALA A 100 -0.65 -12.25 14.05
CA ALA A 100 0.45 -11.29 14.13
C ALA A 100 1.49 -11.53 13.05
N PHE A 101 1.76 -12.80 12.73
CA PHE A 101 2.68 -13.09 11.64
C PHE A 101 2.15 -12.54 10.32
N TYR A 102 0.89 -12.73 10.01
CA TYR A 102 0.30 -12.19 8.78
C TYR A 102 0.27 -10.66 8.83
N PHE A 103 0.08 -10.03 9.99
CA PHE A 103 0.12 -8.57 10.06
C PHE A 103 1.52 -8.04 9.75
N VAL A 104 2.55 -8.62 10.37
CA VAL A 104 3.89 -8.12 10.13
C VAL A 104 4.32 -8.41 8.70
N GLY A 105 3.89 -9.53 8.13
CA GLY A 105 4.18 -9.80 6.73
C GLY A 105 3.57 -8.77 5.81
N THR A 106 2.35 -8.32 6.11
CA THR A 106 1.75 -7.25 5.30
C THR A 106 2.44 -5.92 5.54
N VAL A 107 2.95 -5.68 6.75
CA VAL A 107 3.58 -4.40 7.06
C VAL A 107 4.91 -4.25 6.33
N VAL A 108 5.77 -5.29 6.40
CA VAL A 108 7.12 -5.12 5.89
C VAL A 108 7.17 -5.04 4.37
N SER A 109 6.14 -5.52 3.68
CA SER A 109 6.09 -5.45 2.22
C SER A 109 5.35 -4.22 1.72
N THR A 110 4.88 -3.35 2.62
CA THR A 110 4.15 -2.14 2.26
C THR A 110 2.90 -2.48 1.43
N ILE A 111 2.19 -3.54 1.81
CA ILE A 111 0.91 -3.86 1.20
C ILE A 111 -0.19 -3.19 2.02
N GLY A 112 -0.29 -3.56 3.31
CA GLY A 112 -1.23 -2.92 4.19
C GLY A 112 -2.68 -3.14 3.81
N PHE A 113 -3.16 -4.38 3.94
CA PHE A 113 -4.56 -4.65 3.61
C PHE A 113 -5.50 -3.85 4.51
N GLY A 114 -5.21 -3.79 5.80
CA GLY A 114 -6.01 -3.02 6.73
C GLY A 114 -7.00 -3.81 7.54
N MET A 115 -7.03 -5.14 7.38
CA MET A 115 -7.93 -5.97 8.19
C MET A 115 -7.48 -6.04 9.64
N THR A 116 -6.20 -5.79 9.92
CA THR A 116 -5.67 -5.80 11.29
C THR A 116 -4.83 -4.55 11.47
N THR A 117 -5.15 -3.77 12.50
CA THR A 117 -4.43 -2.54 12.79
C THR A 117 -4.16 -2.46 14.28
N PRO A 118 -3.07 -1.79 14.67
CA PRO A 118 -2.82 -1.59 16.10
C PRO A 118 -3.87 -0.67 16.72
N ALA A 119 -4.12 -0.87 18.01
CA ALA A 119 -5.17 -0.13 18.70
C ALA A 119 -4.76 0.47 20.03
N THR A 120 -3.58 0.17 20.55
CA THR A 120 -3.13 0.69 21.83
C THR A 120 -1.88 1.52 21.67
N VAL A 121 -1.74 2.53 22.53
CA VAL A 121 -0.52 3.32 22.57
C VAL A 121 0.62 2.44 23.03
N GLY A 122 1.72 2.45 22.28
CA GLY A 122 2.79 1.51 22.54
C GLY A 122 2.85 0.46 21.44
N GLY A 123 1.68 0.06 20.95
CA GLY A 123 1.62 -0.76 19.77
C GLY A 123 1.75 -0.01 18.48
N LYS A 124 1.77 1.32 18.53
CA LYS A 124 1.96 2.16 17.35
C LYS A 124 3.39 2.65 17.19
N ILE A 125 4.07 2.97 18.30
CA ILE A 125 5.48 3.37 18.22
C ILE A 125 6.34 2.22 17.73
N PHE A 126 6.13 1.04 18.31
CA PHE A 126 6.83 -0.14 17.84
C PHE A 126 6.56 -0.40 16.37
N LEU A 127 5.34 -0.11 15.91
CA LEU A 127 5.04 -0.23 14.48
C LEU A 127 5.93 0.72 13.68
N ILE A 128 6.10 1.95 14.14
CA ILE A 128 6.92 2.91 13.40
C ILE A 128 8.35 2.39 13.28
N PHE A 129 8.95 1.99 14.40
CA PHE A 129 10.34 1.55 14.33
C PHE A 129 10.49 0.26 13.52
N TYR A 130 9.58 -0.69 13.72
CA TYR A 130 9.64 -1.96 13.01
C TYR A 130 9.54 -1.75 11.51
N GLY A 131 8.58 -0.93 11.06
CA GLY A 131 8.45 -0.67 9.63
C GLY A 131 9.65 0.07 9.08
N LEU A 132 10.16 1.05 9.83
CA LEU A 132 11.31 1.81 9.34
C LEU A 132 12.51 0.91 9.12
N VAL A 133 12.72 -0.07 10.00
CA VAL A 133 13.87 -0.95 9.79
C VAL A 133 13.59 -2.04 8.76
N GLY A 134 12.33 -2.46 8.60
CA GLY A 134 12.04 -3.60 7.73
C GLY A 134 11.82 -3.29 6.26
N CYS A 135 11.24 -2.12 5.96
CA CYS A 135 10.93 -1.80 4.57
C CYS A 135 12.21 -1.68 3.73
N SER A 136 13.26 -1.10 4.32
CA SER A 136 14.52 -0.98 3.60
C SER A 136 15.11 -2.34 3.28
N SER A 137 15.06 -3.26 4.24
CA SER A 137 15.56 -4.61 4.00
C SER A 137 14.77 -5.30 2.89
N THR A 138 13.45 -5.14 2.89
CA THR A 138 12.66 -5.76 1.84
C THR A 138 13.01 -5.19 0.46
N ILE A 139 13.21 -3.87 0.38
CA ILE A 139 13.59 -3.26 -0.89
C ILE A 139 14.94 -3.79 -1.37
N LEU A 140 15.90 -3.91 -0.44
CA LEU A 140 17.19 -4.48 -0.81
C LEU A 140 17.05 -5.91 -1.32
N PHE A 141 16.19 -6.70 -0.66
CA PHE A 141 15.96 -8.06 -1.12
C PHE A 141 15.40 -8.10 -2.53
N PHE A 142 14.45 -7.22 -2.84
CA PHE A 142 13.90 -7.19 -4.19
C PHE A 142 14.96 -6.84 -5.22
N ASN A 143 15.80 -5.86 -4.91
CA ASN A 143 16.86 -5.49 -5.86
C ASN A 143 17.83 -6.63 -6.09
N LEU A 144 18.24 -7.32 -5.02
CA LEU A 144 19.15 -8.46 -5.18
C LEU A 144 18.51 -9.56 -6.00
N PHE A 145 17.20 -9.80 -5.81
CA PHE A 145 16.52 -10.80 -6.61
C PHE A 145 16.55 -10.43 -8.10
N LEU A 146 16.30 -9.16 -8.41
CA LEU A 146 16.34 -8.75 -9.81
C LEU A 146 17.72 -8.96 -10.41
N GLU A 147 18.78 -8.61 -9.67
CA GLU A 147 20.13 -8.82 -10.18
C GLU A 147 20.40 -10.30 -10.44
N ARG A 148 20.01 -11.16 -9.51
CA ARG A 148 20.23 -12.60 -9.69
C ARG A 148 19.47 -13.11 -10.91
N LEU A 149 18.23 -12.64 -11.10
CA LEU A 149 17.45 -13.09 -12.25
C LEU A 149 18.13 -12.69 -13.56
N ILE A 150 18.61 -11.46 -13.64
CA ILE A 150 19.29 -11.02 -14.87
C ILE A 150 20.52 -11.87 -15.12
N THR A 151 21.31 -12.14 -14.08
CA THR A 151 22.52 -12.93 -14.26
C THR A 151 22.19 -14.33 -14.75
N ILE A 152 21.18 -14.97 -14.16
CA ILE A 152 20.85 -16.34 -14.56
C ILE A 152 20.29 -16.37 -15.97
N ILE A 153 19.54 -15.34 -16.36
CA ILE A 153 19.05 -15.26 -17.74
C ILE A 153 20.22 -15.19 -18.70
N ALA A 154 21.20 -14.34 -18.38
CA ALA A 154 22.37 -14.23 -19.26
C ALA A 154 23.11 -15.55 -19.36
N TYR A 155 23.29 -16.25 -18.23
CA TYR A 155 24.01 -17.52 -18.26
C TYR A 155 23.25 -18.55 -19.10
N ILE A 156 21.94 -18.61 -18.94
CA ILE A 156 21.15 -19.57 -19.72
C ILE A 156 21.26 -19.26 -21.21
N MET A 157 21.18 -17.99 -21.58
CA MET A 157 21.26 -17.63 -22.99
C MET A 157 22.64 -18.00 -23.56
N LYS A 158 23.70 -17.71 -22.81
CA LYS A 158 25.04 -18.06 -23.29
C LYS A 158 25.20 -19.57 -23.45
N SER A 159 24.72 -20.34 -22.47
CA SER A 159 24.83 -21.80 -22.57
C SER A 159 24.03 -22.33 -23.75
N CYS A 160 22.82 -21.81 -23.97
CA CYS A 160 22.02 -22.25 -25.09
C CYS A 160 22.69 -21.94 -26.42
N HIS A 161 23.26 -20.74 -26.54
CA HIS A 161 23.97 -20.40 -27.77
C HIS A 161 25.16 -21.31 -27.99
N GLN A 162 25.92 -21.60 -26.93
CA GLN A 162 27.07 -22.48 -27.07
C GLN A 162 26.65 -23.87 -27.50
N ARG A 163 25.58 -24.40 -26.90
CA ARG A 163 25.11 -25.73 -27.29
C ARG A 163 24.60 -25.75 -28.71
N GLN A 164 23.89 -24.70 -29.13
CA GLN A 164 23.41 -24.64 -30.51
C GLN A 164 24.55 -24.51 -31.50
N LEU A 165 25.65 -23.88 -31.09
CA LEU A 165 26.79 -23.75 -32.00
C LEU A 165 27.37 -25.12 -32.38
N ARG A 166 27.48 -26.02 -31.41
CA ARG A 166 28.01 -27.37 -31.66
C ARG A 166 26.86 -28.29 -32.06
N ARG A 167 26.40 -28.10 -33.29
CA ARG A 167 25.30 -28.89 -33.83
C ARG A 167 25.70 -29.58 -35.12
N ALA A 188 28.91 -13.08 -18.89
CA ALA A 188 29.90 -12.02 -19.11
C ALA A 188 29.35 -10.94 -20.03
N GLY A 189 29.67 -11.06 -21.32
CA GLY A 189 29.22 -10.09 -22.30
C GLY A 189 27.96 -10.51 -23.03
N TRP A 190 27.21 -11.45 -22.45
CA TRP A 190 26.01 -12.00 -23.06
C TRP A 190 24.74 -11.47 -22.39
N LYS A 191 24.81 -10.33 -21.72
CA LYS A 191 23.65 -9.82 -21.01
C LYS A 191 22.55 -9.44 -21.99
N PRO A 192 21.31 -9.86 -21.75
CA PRO A 192 20.23 -9.53 -22.69
C PRO A 192 19.80 -8.08 -22.59
N SER A 193 19.09 -7.63 -23.62
CA SER A 193 18.59 -6.26 -23.65
C SER A 193 17.35 -6.13 -22.77
N VAL A 194 16.85 -4.90 -22.64
CA VAL A 194 15.72 -4.62 -21.77
C VAL A 194 14.45 -5.27 -22.29
N TYR A 195 14.27 -5.29 -23.61
CA TYR A 195 13.03 -5.78 -24.20
C TYR A 195 12.79 -7.25 -23.83
N TYR A 196 13.82 -8.08 -23.94
CA TYR A 196 13.65 -9.50 -23.61
C TYR A 196 13.38 -9.71 -22.13
N VAL A 197 14.02 -8.92 -21.27
CA VAL A 197 13.75 -9.02 -19.84
C VAL A 197 12.30 -8.65 -19.55
N MET A 198 11.80 -7.61 -20.21
CA MET A 198 10.40 -7.21 -20.01
C MET A 198 9.46 -8.32 -20.47
N LEU A 199 9.72 -8.93 -21.62
CA LEU A 199 8.85 -10.00 -22.10
C LEU A 199 8.87 -11.20 -21.15
N ILE A 200 10.06 -11.58 -20.66
CA ILE A 200 10.16 -12.70 -19.74
C ILE A 200 9.40 -12.40 -18.45
N LEU A 201 9.55 -11.19 -17.92
CA LEU A 201 8.84 -10.84 -16.69
C LEU A 201 7.34 -10.86 -16.90
N CYS A 202 6.86 -10.35 -18.04
CA CYS A 202 5.42 -10.37 -18.30
C CYS A 202 4.90 -11.80 -18.37
N THR A 203 5.61 -12.68 -19.08
CA THR A 203 5.17 -14.07 -19.17
C THR A 203 5.14 -14.72 -17.79
N ALA A 204 6.19 -14.51 -17.00
CA ALA A 204 6.23 -15.12 -15.67
C ALA A 204 5.11 -14.61 -14.80
N SER A 205 4.82 -13.30 -14.85
CA SER A 205 3.76 -12.75 -14.02
C SER A 205 2.41 -13.29 -14.42
N ILE A 206 2.15 -13.40 -15.74
CA ILE A 206 0.88 -13.96 -16.19
C ILE A 206 0.73 -15.40 -15.73
N LEU A 207 1.80 -16.20 -15.87
CA LEU A 207 1.72 -17.59 -15.46
C LEU A 207 1.48 -17.71 -13.96
N ILE A 208 2.17 -16.90 -13.16
CA ILE A 208 1.98 -16.95 -11.71
C ILE A 208 0.56 -16.55 -11.32
N SER A 209 0.04 -15.50 -11.95
CA SER A 209 -1.32 -15.07 -11.64
C SER A 209 -2.33 -16.16 -11.99
N CYS A 210 -2.18 -16.79 -13.16
CA CYS A 210 -3.12 -17.85 -13.53
C CYS A 210 -3.03 -19.03 -12.59
N CYS A 211 -1.82 -19.44 -12.22
CA CYS A 211 -1.67 -20.57 -11.31
C CYS A 211 -2.26 -20.25 -9.94
N ALA A 212 -2.05 -19.03 -9.44
CA ALA A 212 -2.64 -18.64 -8.16
C ALA A 212 -4.16 -18.61 -8.23
N SER A 213 -4.72 -18.07 -9.32
CA SER A 213 -6.17 -18.03 -9.46
C SER A 213 -6.77 -19.40 -9.73
N ALA A 214 -5.94 -20.39 -10.08
CA ALA A 214 -6.45 -21.76 -10.15
C ALA A 214 -7.00 -22.19 -8.80
N MET A 215 -6.30 -21.86 -7.72
CA MET A 215 -6.87 -21.94 -6.39
C MET A 215 -7.51 -20.60 -6.04
N TYR A 216 -8.00 -20.49 -4.80
CA TYR A 216 -8.80 -19.35 -4.35
C TYR A 216 -10.19 -19.36 -4.97
N THR A 217 -10.40 -20.18 -5.99
CA THR A 217 -11.73 -20.26 -6.59
C THR A 217 -12.61 -21.27 -5.85
N PRO A 218 -12.12 -22.49 -5.63
CA PRO A 218 -12.94 -23.48 -4.90
C PRO A 218 -12.78 -23.38 -3.39
N ILE A 219 -11.64 -22.90 -2.92
CA ILE A 219 -11.41 -22.80 -1.48
C ILE A 219 -12.31 -21.73 -0.89
N GLU A 220 -12.37 -20.57 -1.54
CA GLU A 220 -13.25 -19.48 -1.16
C GLU A 220 -14.12 -19.15 -2.37
N GLY A 221 -15.43 -19.10 -2.18
CA GLY A 221 -16.27 -18.90 -3.34
C GLY A 221 -15.98 -17.54 -3.93
N TRP A 222 -15.48 -17.53 -5.16
CA TRP A 222 -15.17 -16.32 -5.91
C TRP A 222 -15.25 -16.64 -7.38
N SER A 223 -15.42 -15.61 -8.19
CA SER A 223 -15.28 -15.78 -9.62
C SER A 223 -13.81 -15.81 -10.01
N TYR A 224 -13.53 -16.37 -11.18
CA TYR A 224 -12.14 -16.40 -11.66
C TYR A 224 -11.63 -14.98 -11.89
N PHE A 225 -12.47 -14.11 -12.44
CA PHE A 225 -12.06 -12.72 -12.65
C PHE A 225 -11.81 -12.01 -11.33
N ASP A 226 -12.60 -12.31 -10.31
CA ASP A 226 -12.34 -11.74 -8.99
C ASP A 226 -11.00 -12.20 -8.45
N SER A 227 -10.65 -13.47 -8.67
CA SER A 227 -9.35 -13.97 -8.25
C SER A 227 -8.22 -13.23 -8.96
N LEU A 228 -8.36 -13.01 -10.28
CA LEU A 228 -7.34 -12.27 -11.01
C LEU A 228 -7.22 -10.84 -10.51
N TYR A 229 -8.36 -10.20 -10.23
CA TYR A 229 -8.34 -8.83 -9.71
C TYR A 229 -7.65 -8.77 -8.36
N PHE A 230 -7.94 -9.72 -7.48
CA PHE A 230 -7.27 -9.75 -6.18
C PHE A 230 -5.77 -9.98 -6.35
N CYS A 231 -5.39 -10.88 -7.25
CA CYS A 231 -3.97 -11.13 -7.47
C CYS A 231 -3.24 -9.88 -7.94
N PHE A 232 -3.84 -9.15 -8.88
CA PHE A 232 -3.18 -7.92 -9.34
C PHE A 232 -3.12 -6.87 -8.25
N VAL A 233 -4.20 -6.72 -7.47
CA VAL A 233 -4.19 -5.69 -6.42
C VAL A 233 -3.16 -6.02 -5.36
N ALA A 234 -3.03 -7.29 -4.99
CA ALA A 234 -2.08 -7.67 -3.94
C ALA A 234 -0.64 -7.62 -4.45
N PHE A 235 -0.39 -8.11 -5.66
CA PHE A 235 0.99 -8.21 -6.15
C PHE A 235 1.60 -6.84 -6.35
N SER A 236 0.82 -5.86 -6.81
CA SER A 236 1.33 -4.53 -7.06
C SER A 236 1.54 -3.73 -5.78
N THR A 237 1.33 -4.32 -4.62
CA THR A 237 1.47 -3.65 -3.32
C THR A 237 0.54 -2.45 -3.20
N ILE A 238 -0.62 -2.51 -3.84
CA ILE A 238 -1.64 -1.48 -3.61
C ILE A 238 -2.47 -1.82 -2.39
N GLY A 239 -3.12 -2.98 -2.40
CA GLY A 239 -3.81 -3.48 -1.23
C GLY A 239 -5.01 -2.67 -0.80
N PHE A 240 -6.07 -2.67 -1.61
CA PHE A 240 -7.28 -1.96 -1.24
C PHE A 240 -7.88 -2.53 0.04
N GLY A 241 -7.95 -3.85 0.14
CA GLY A 241 -8.50 -4.51 1.31
C GLY A 241 -9.93 -4.99 1.16
N ASP A 242 -10.57 -4.76 0.01
CA ASP A 242 -11.92 -5.25 -0.18
C ASP A 242 -11.97 -6.77 -0.26
N LEU A 243 -10.93 -7.39 -0.83
CA LEU A 243 -10.79 -8.84 -0.88
C LEU A 243 -9.50 -9.24 -0.19
N VAL A 244 -9.62 -10.01 0.89
CA VAL A 244 -8.48 -10.53 1.62
C VAL A 244 -8.64 -12.04 1.75
N SER A 245 -7.56 -12.77 1.52
CA SER A 245 -7.59 -14.22 1.47
C SER A 245 -7.24 -14.84 2.81
N SER A 246 -7.72 -16.08 3.01
CA SER A 246 -7.33 -16.92 4.12
C SER A 246 -7.74 -16.33 5.48
N GLN A 247 -9.06 -16.08 5.61
CA GLN A 247 -9.62 -15.79 6.94
C GLN A 247 -11.08 -16.25 6.94
N ASN A 248 -11.29 -17.49 7.39
CA ASN A 248 -12.64 -18.02 7.52
C ASN A 248 -12.82 -18.86 8.78
N ALA A 249 -11.83 -18.89 9.67
CA ALA A 249 -11.91 -19.61 10.93
C ALA A 249 -11.91 -21.13 10.73
N HIS A 250 -11.97 -21.58 9.48
CA HIS A 250 -11.83 -23.00 9.17
C HIS A 250 -11.63 -23.21 7.69
N TYR A 251 -10.55 -23.88 7.31
CA TYR A 251 -10.20 -24.05 5.90
C TYR A 251 -9.77 -25.50 5.63
N GLU A 252 -10.61 -26.45 6.03
CA GLU A 252 -10.26 -27.86 5.90
C GLU A 252 -8.84 -28.08 6.40
N SER A 253 -7.93 -28.45 5.49
CA SER A 253 -6.57 -28.77 5.89
C SER A 253 -5.98 -27.67 6.77
N GLN A 254 -6.14 -26.42 6.36
CA GLN A 254 -5.65 -25.26 7.09
C GLN A 254 -4.15 -25.36 7.37
N GLY A 255 -3.48 -26.24 6.63
CA GLY A 255 -2.03 -26.44 6.82
C GLY A 255 -1.24 -25.87 5.66
N LEU A 256 -0.96 -26.71 4.66
CA LEU A 256 -0.25 -26.28 3.47
C LEU A 256 -0.91 -25.09 2.79
N TYR A 257 -2.17 -24.78 3.11
CA TYR A 257 -2.85 -23.66 2.47
C TYR A 257 -2.17 -22.34 2.78
N ARG A 258 -1.81 -22.13 4.05
CA ARG A 258 -1.15 -20.88 4.43
C ARG A 258 0.24 -20.80 3.82
N PHE A 259 0.97 -21.92 3.79
CA PHE A 259 2.28 -21.95 3.15
C PHE A 259 2.18 -21.59 1.67
N ALA A 260 1.18 -22.14 0.97
CA ALA A 260 0.98 -21.82 -0.43
C ALA A 260 0.65 -20.35 -0.62
N ASN A 261 -0.20 -19.81 0.25
CA ASN A 261 -0.54 -18.39 0.16
C ASN A 261 0.71 -17.52 0.30
N PHE A 262 1.55 -17.85 1.28
CA PHE A 262 2.79 -17.10 1.50
C PHE A 262 3.68 -17.16 0.27
N VAL A 263 3.88 -18.36 -0.27
CA VAL A 263 4.78 -18.52 -1.42
C VAL A 263 4.27 -17.73 -2.62
N PHE A 264 2.97 -17.87 -2.91
CA PHE A 264 2.40 -17.19 -4.07
C PHE A 264 2.52 -15.68 -3.94
N ILE A 265 2.20 -15.14 -2.77
CA ILE A 265 2.27 -13.69 -2.61
C ILE A 265 3.69 -13.19 -2.77
N LEU A 266 4.65 -13.90 -2.18
CA LEU A 266 6.05 -13.47 -2.29
C LEU A 266 6.50 -13.45 -3.75
N MET A 267 6.26 -14.55 -4.48
CA MET A 267 6.72 -14.61 -5.87
C MET A 267 6.06 -13.54 -6.72
N GLY A 268 4.74 -13.34 -6.54
CA GLY A 268 4.05 -12.32 -7.33
C GLY A 268 4.58 -10.94 -7.07
N VAL A 269 4.83 -10.61 -5.80
CA VAL A 269 5.34 -9.28 -5.48
C VAL A 269 6.70 -9.05 -6.11
N CYS A 270 7.59 -10.05 -6.03
CA CYS A 270 8.91 -9.91 -6.64
C CYS A 270 8.80 -9.65 -8.14
N CYS A 271 7.99 -10.48 -8.83
CA CYS A 271 7.89 -10.33 -10.28
C CYS A 271 7.32 -8.98 -10.68
N ILE A 272 6.27 -8.53 -9.98
CA ILE A 272 5.63 -7.27 -10.35
C ILE A 272 6.57 -6.09 -10.10
N TYR A 273 7.30 -6.11 -8.99
CA TYR A 273 8.23 -5.01 -8.74
C TYR A 273 9.32 -4.95 -9.81
N SER A 274 9.85 -6.12 -10.20
CA SER A 274 10.85 -6.13 -11.28
C SER A 274 10.27 -5.56 -12.58
N LEU A 275 9.03 -5.95 -12.90
CA LEU A 275 8.40 -5.42 -14.12
C LEU A 275 8.26 -3.91 -14.05
N PHE A 276 7.87 -3.38 -12.90
CA PHE A 276 7.73 -1.93 -12.77
C PHE A 276 9.08 -1.23 -13.00
N ASN A 277 10.15 -1.77 -12.43
CA ASN A 277 11.45 -1.14 -12.64
C ASN A 277 11.86 -1.14 -14.12
N VAL A 278 11.64 -2.26 -14.81
CA VAL A 278 12.00 -2.33 -16.22
C VAL A 278 11.19 -1.32 -17.03
N ILE A 279 9.88 -1.24 -16.75
CA ILE A 279 9.05 -0.28 -17.48
C ILE A 279 9.53 1.14 -17.22
N SER A 280 9.96 1.42 -16.00
CA SER A 280 10.47 2.76 -15.70
C SER A 280 11.71 3.08 -16.52
N ILE A 281 12.61 2.11 -16.67
CA ILE A 281 13.80 2.33 -17.49
C ILE A 281 13.40 2.65 -18.92
N LEU A 282 12.45 1.88 -19.47
CA LEU A 282 12.02 2.15 -20.84
C LEU A 282 11.40 3.54 -20.98
N ILE A 283 10.58 3.95 -20.00
CA ILE A 283 9.96 5.27 -20.07
C ILE A 283 11.01 6.36 -20.03
N LYS A 284 12.06 6.17 -19.21
CA LYS A 284 13.14 7.17 -19.18
C LYS A 284 13.83 7.28 -20.52
N GLN A 285 14.10 6.15 -21.18
CA GLN A 285 14.72 6.21 -22.49
C GLN A 285 13.83 6.94 -23.49
N SER A 286 12.52 6.67 -23.44
CA SER A 286 11.59 7.36 -24.34
C SER A 286 11.58 8.86 -24.09
N LEU A 287 11.61 9.28 -22.83
CA LEU A 287 11.66 10.71 -22.52
C LEU A 287 12.94 11.33 -23.08
N ASN A 288 14.07 10.64 -22.92
CA ASN A 288 15.32 11.14 -23.49
C ASN A 288 15.19 11.34 -25.00
N TRP A 289 14.60 10.36 -25.68
CA TRP A 289 14.45 10.48 -27.13
C TRP A 289 13.58 11.68 -27.49
N ILE A 290 12.43 11.83 -26.83
CA ILE A 290 11.52 12.90 -27.21
C ILE A 290 12.12 14.26 -26.90
N LEU A 291 12.94 14.35 -25.86
CA LEU A 291 13.54 15.64 -25.55
C LEU A 291 14.69 15.95 -26.47
N ARG A 292 15.44 14.93 -26.92
CA ARG A 292 16.43 15.16 -27.95
C ARG A 292 15.76 15.63 -29.23
N LYS A 293 14.60 15.05 -29.55
CA LYS A 293 13.88 15.43 -30.76
C LYS A 293 13.38 16.86 -30.68
N MET A 294 12.95 17.29 -29.50
CA MET A 294 12.41 18.65 -29.37
C MET A 294 13.47 19.72 -29.67
N ASP A 295 14.75 19.35 -29.63
CA ASP A 295 15.82 20.32 -29.89
C ASP A 295 15.76 21.50 -28.93
N ASN B 14 29.93 -16.61 -5.99
CA ASN B 14 29.59 -17.33 -4.78
C ASN B 14 29.30 -16.37 -3.63
N GLU B 15 29.87 -15.16 -3.72
CA GLU B 15 29.61 -14.15 -2.71
C GLU B 15 28.16 -13.67 -2.76
N ASP B 16 27.62 -13.49 -3.96
CA ASP B 16 26.27 -12.97 -4.08
C ASP B 16 25.24 -13.94 -3.51
N ASN B 17 25.44 -15.24 -3.74
CA ASN B 17 24.52 -16.23 -3.17
C ASN B 17 24.56 -16.21 -1.66
N ALA B 18 25.75 -16.08 -1.08
CA ALA B 18 25.86 -16.01 0.37
C ALA B 18 25.15 -14.77 0.91
N ARG B 19 25.32 -13.63 0.23
CA ARG B 19 24.63 -12.42 0.66
C ARG B 19 23.12 -12.60 0.62
N PHE B 20 22.62 -13.20 -0.47
CA PHE B 20 21.18 -13.42 -0.61
C PHE B 20 20.66 -14.31 0.51
N LEU B 21 21.35 -15.41 0.78
CA LEU B 21 20.91 -16.33 1.83
C LEU B 21 20.93 -15.67 3.20
N LEU B 22 21.99 -14.91 3.50
CA LEU B 22 22.07 -14.24 4.80
C LEU B 22 20.94 -13.25 4.97
N LEU B 23 20.65 -12.46 3.93
CA LEU B 23 19.56 -11.51 4.02
C LEU B 23 18.22 -12.21 4.26
N ALA B 24 17.98 -13.31 3.55
CA ALA B 24 16.73 -14.03 3.74
C ALA B 24 16.57 -14.53 5.17
N ALA B 25 17.64 -15.12 5.72
CA ALA B 25 17.57 -15.64 7.08
C ALA B 25 17.31 -14.51 8.09
N LEU B 26 18.01 -13.39 7.92
CA LEU B 26 17.80 -12.28 8.84
C LEU B 26 16.38 -11.76 8.78
N ILE B 27 15.81 -11.67 7.56
CA ILE B 27 14.44 -11.20 7.43
C ILE B 27 13.47 -12.14 8.13
N VAL B 28 13.68 -13.45 7.99
CA VAL B 28 12.78 -14.41 8.63
C VAL B 28 12.81 -14.25 10.15
N LEU B 29 14.02 -14.14 10.72
CA LEU B 29 14.12 -13.96 12.16
C LEU B 29 13.42 -12.67 12.60
N TYR B 30 13.60 -11.59 11.82
CA TYR B 30 12.95 -10.33 12.14
C TYR B 30 11.43 -10.49 12.18
N LEU B 31 10.88 -11.20 11.20
CA LEU B 31 9.43 -11.39 11.16
C LEU B 31 8.93 -12.15 12.38
N LEU B 32 9.64 -13.22 12.75
CA LEU B 32 9.17 -14.00 13.90
C LEU B 32 9.19 -13.16 15.18
N GLY B 33 10.27 -12.42 15.41
CA GLY B 33 10.33 -11.58 16.60
C GLY B 33 9.23 -10.54 16.65
N GLY B 34 9.02 -9.85 15.52
CA GLY B 34 7.97 -8.85 15.48
C GLY B 34 6.59 -9.43 15.75
N ALA B 35 6.30 -10.60 15.18
CA ALA B 35 5.01 -11.23 15.42
C ALA B 35 4.81 -11.51 16.90
N ALA B 36 5.83 -12.06 17.56
CA ALA B 36 5.69 -12.35 18.98
C ALA B 36 5.40 -11.09 19.77
N VAL B 37 6.16 -10.02 19.51
CA VAL B 37 5.98 -8.79 20.30
C VAL B 37 4.58 -8.21 20.08
N PHE B 38 4.13 -8.16 18.83
CA PHE B 38 2.83 -7.54 18.56
C PHE B 38 1.70 -8.33 19.20
N SER B 39 1.74 -9.66 19.12
CA SER B 39 0.71 -10.45 19.79
C SER B 39 0.67 -10.16 21.27
N ALA B 40 1.85 -10.19 21.91
CA ALA B 40 1.93 -9.93 23.34
C ALA B 40 1.41 -8.55 23.70
N LEU B 41 1.48 -7.60 22.77
CA LEU B 41 1.00 -6.26 23.07
C LEU B 41 -0.49 -6.07 22.85
N GLU B 42 -1.12 -6.83 21.94
CA GLU B 42 -2.47 -6.50 21.51
C GLU B 42 -3.57 -7.49 21.92
N LEU B 43 -3.22 -8.71 22.34
CA LEU B 43 -4.25 -9.74 22.51
C LEU B 43 -5.32 -9.33 23.54
N ALA B 44 -4.89 -8.80 24.69
CA ALA B 44 -5.84 -8.52 25.76
C ALA B 44 -6.84 -7.44 25.37
N HIS B 45 -6.37 -6.38 24.72
CA HIS B 45 -7.27 -5.33 24.25
C HIS B 45 -8.28 -5.90 23.25
N GLU B 46 -7.82 -6.76 22.34
CA GLU B 46 -8.76 -7.36 21.40
C GLU B 46 -9.85 -8.12 22.13
N ARG B 47 -9.46 -8.94 23.11
CA ARG B 47 -10.46 -9.73 23.83
C ARG B 47 -11.46 -8.84 24.57
N GLN B 48 -10.98 -7.78 25.22
CA GLN B 48 -11.89 -6.90 25.94
C GLN B 48 -12.88 -6.24 24.99
N ALA B 49 -12.41 -5.79 23.82
CA ALA B 49 -13.32 -5.19 22.86
C ALA B 49 -14.39 -6.17 22.41
N LYS B 50 -14.00 -7.41 22.13
CA LYS B 50 -14.99 -8.41 21.73
C LYS B 50 -16.05 -8.61 22.81
N GLN B 51 -15.63 -8.74 24.06
CA GLN B 51 -16.59 -8.94 25.14
C GLN B 51 -17.53 -7.75 25.26
N ARG B 52 -17.00 -6.52 25.13
CA ARG B 52 -17.85 -5.34 25.21
C ARG B 52 -18.92 -5.35 24.13
N TRP B 53 -18.53 -5.68 22.89
CA TRP B 53 -19.51 -5.72 21.81
C TRP B 53 -20.57 -6.78 22.08
N GLU B 54 -20.15 -7.96 22.57
CA GLU B 54 -21.14 -9.00 22.85
C GLU B 54 -22.15 -8.53 23.89
N GLU B 55 -21.68 -7.89 24.95
CA GLU B 55 -22.60 -7.41 25.99
C GLU B 55 -23.55 -6.37 25.44
N ARG B 56 -23.06 -5.43 24.63
CA ARG B 56 -23.94 -4.41 24.06
C ARG B 56 -25.00 -5.03 23.16
N LEU B 57 -24.60 -5.98 22.32
CA LEU B 57 -25.58 -6.63 21.44
C LEU B 57 -26.64 -7.36 22.24
N ALA B 58 -26.24 -8.09 23.27
CA ALA B 58 -27.22 -8.79 24.10
C ALA B 58 -28.18 -7.83 24.75
N GLN B 59 -27.67 -6.71 25.28
CA GLN B 59 -28.54 -5.73 25.93
C GLN B 59 -29.55 -5.16 24.94
N PHE B 60 -29.08 -4.79 23.74
CA PHE B 60 -30.00 -4.23 22.74
C PHE B 60 -31.06 -5.24 22.35
N SER B 61 -30.66 -6.49 22.10
CA SER B 61 -31.63 -7.50 21.70
C SER B 61 -32.66 -7.75 22.77
N ARG B 62 -32.24 -7.83 24.04
CA ARG B 62 -33.18 -8.03 25.13
C ARG B 62 -34.13 -6.85 25.29
N GLY B 63 -33.62 -5.63 25.11
CA GLY B 63 -34.46 -4.46 25.35
C GLY B 63 -35.63 -4.34 24.39
N HIS B 64 -35.41 -4.57 23.11
CA HIS B 64 -36.43 -4.36 22.09
C HIS B 64 -37.10 -5.66 21.65
N GLN B 65 -37.01 -6.71 22.46
CA GLN B 65 -37.72 -7.97 22.22
C GLN B 65 -37.64 -8.43 20.77
N LEU B 66 -36.52 -8.19 20.11
CA LEU B 66 -36.30 -8.69 18.77
C LEU B 66 -35.74 -10.11 18.81
N SER B 67 -35.64 -10.72 17.64
CA SER B 67 -35.02 -12.03 17.50
C SER B 67 -33.51 -11.85 17.34
N ARG B 68 -32.81 -12.93 16.98
CA ARG B 68 -31.38 -12.86 16.74
C ARG B 68 -31.00 -12.94 15.26
N ASP B 69 -31.78 -13.65 14.45
CA ASP B 69 -31.46 -13.76 13.03
C ASP B 69 -31.79 -12.47 12.29
N GLU B 70 -32.87 -11.79 12.69
CA GLU B 70 -33.27 -10.58 12.00
C GLU B 70 -32.20 -9.50 12.12
N LEU B 71 -31.61 -9.36 13.31
CA LEU B 71 -30.52 -8.42 13.48
C LEU B 71 -29.31 -8.82 12.63
N ARG B 72 -29.09 -10.12 12.45
CA ARG B 72 -28.00 -10.56 11.57
C ARG B 72 -28.26 -10.13 10.13
N GLY B 73 -29.49 -10.29 9.66
CA GLY B 73 -29.80 -9.84 8.31
C GLY B 73 -29.67 -8.34 8.16
N PHE B 74 -30.13 -7.59 9.16
CA PHE B 74 -29.98 -6.14 9.13
C PHE B 74 -28.51 -5.74 9.07
N LEU B 75 -27.66 -6.39 9.87
CA LEU B 75 -26.25 -6.06 9.86
C LEU B 75 -25.58 -6.47 8.55
N ARG B 76 -26.04 -7.57 7.93
CA ARG B 76 -25.50 -7.95 6.62
C ARG B 76 -25.86 -6.91 5.56
N HIS B 77 -27.10 -6.43 5.58
CA HIS B 77 -27.47 -5.35 4.66
C HIS B 77 -26.63 -4.10 4.90
N TYR B 78 -26.38 -3.76 6.17
CA TYR B 78 -25.56 -2.60 6.46
C TYR B 78 -24.13 -2.79 6.01
N GLU B 79 -23.60 -4.00 6.11
CA GLU B 79 -22.25 -4.26 5.62
C GLU B 79 -22.19 -4.09 4.11
N GLU B 80 -23.20 -4.58 3.40
CA GLU B 80 -23.25 -4.37 1.95
C GLU B 80 -23.32 -2.88 1.63
N ALA B 81 -24.14 -2.13 2.35
CA ALA B 81 -24.27 -0.70 2.10
C ALA B 81 -22.96 0.02 2.35
N THR B 82 -22.25 -0.33 3.42
CA THR B 82 -20.99 0.31 3.76
C THR B 82 -19.86 -0.11 2.84
N ARG B 83 -19.99 -1.24 2.15
CA ARG B 83 -19.04 -1.54 1.08
C ARG B 83 -19.17 -0.54 -0.06
N ALA B 84 -20.36 -0.01 -0.29
CA ALA B 84 -20.53 1.15 -1.13
C ALA B 84 -20.17 2.39 -0.32
N GLY B 85 -20.46 3.57 -0.85
CA GLY B 85 -20.02 4.81 -0.24
C GLY B 85 -20.97 5.37 0.82
N ILE B 86 -21.49 4.52 1.69
CA ILE B 86 -22.45 4.92 2.71
C ILE B 86 -21.78 4.82 4.07
N ARG B 87 -21.87 5.90 4.85
CA ARG B 87 -21.31 5.93 6.20
C ARG B 87 -22.37 6.39 7.18
N VAL B 88 -21.96 6.67 8.41
CA VAL B 88 -22.90 7.09 9.45
C VAL B 88 -22.91 8.60 9.68
N ASP B 89 -21.72 9.19 9.62
CA ASP B 89 -21.60 10.62 9.99
C ASP B 89 -21.39 11.51 8.77
N ASN B 90 -22.28 11.46 7.77
CA ASN B 90 -22.24 12.37 6.60
C ASN B 90 -20.99 12.57 5.73
N VAL B 91 -20.53 11.52 5.04
CA VAL B 91 -19.26 11.63 4.25
C VAL B 91 -19.49 12.19 2.84
N ARG B 92 -18.43 12.71 2.21
CA ARG B 92 -18.51 13.23 0.85
C ARG B 92 -18.88 12.13 -0.15
N PRO B 93 -19.55 12.50 -1.24
CA PRO B 93 -19.90 11.50 -2.25
C PRO B 93 -18.67 10.98 -2.97
N ARG B 94 -18.77 9.73 -3.43
CA ARG B 94 -17.73 9.11 -4.23
C ARG B 94 -18.01 9.30 -5.72
N TRP B 95 -16.93 9.28 -6.50
CA TRP B 95 -17.04 9.20 -7.96
C TRP B 95 -17.83 10.35 -8.57
N ASP B 96 -17.63 11.59 -8.11
CA ASP B 96 -18.31 12.71 -8.77
C ASP B 96 -17.40 13.35 -9.80
N PHE B 97 -16.39 14.10 -9.36
CA PHE B 97 -15.19 14.34 -10.14
C PHE B 97 -13.96 14.27 -9.23
N THR B 98 -14.12 14.81 -8.02
CA THR B 98 -13.00 14.96 -7.11
C THR B 98 -12.69 13.66 -6.38
N GLY B 99 -13.71 12.86 -6.08
CA GLY B 99 -13.46 11.54 -5.53
C GLY B 99 -12.64 10.68 -6.47
N ALA B 100 -12.91 10.79 -7.78
CA ALA B 100 -12.11 10.06 -8.75
C ALA B 100 -10.68 10.55 -8.77
N PHE B 101 -10.47 11.86 -8.66
CA PHE B 101 -9.12 12.40 -8.62
C PHE B 101 -8.37 11.88 -7.40
N TYR B 102 -9.04 11.88 -6.26
CA TYR B 102 -8.42 11.35 -5.03
C TYR B 102 -8.07 9.88 -5.22
N PHE B 103 -9.01 9.11 -5.77
CA PHE B 103 -8.81 7.67 -5.95
C PHE B 103 -7.61 7.40 -6.84
N VAL B 104 -7.52 8.08 -7.98
CA VAL B 104 -6.39 7.84 -8.89
C VAL B 104 -5.08 8.31 -8.26
N GLY B 105 -5.12 9.41 -7.49
CA GLY B 105 -3.92 9.82 -6.78
C GLY B 105 -3.43 8.77 -5.80
N THR B 106 -4.37 8.11 -5.11
CA THR B 106 -3.97 7.03 -4.21
C THR B 106 -3.50 5.80 -4.98
N VAL B 107 -4.05 5.57 -6.17
CA VAL B 107 -3.69 4.38 -6.94
C VAL B 107 -2.27 4.50 -7.48
N VAL B 108 -1.94 5.64 -8.10
CA VAL B 108 -0.66 5.73 -8.79
C VAL B 108 0.51 5.80 -7.83
N SER B 109 0.28 6.18 -6.57
CA SER B 109 1.35 6.22 -5.57
C SER B 109 1.44 4.94 -4.74
N THR B 110 0.61 3.94 -5.06
CA THR B 110 0.60 2.67 -4.33
C THR B 110 0.34 2.86 -2.84
N ILE B 111 -0.56 3.77 -2.50
CA ILE B 111 -1.00 3.94 -1.12
C ILE B 111 -2.18 2.99 -0.89
N GLY B 112 -3.23 3.16 -1.69
CA GLY B 112 -4.38 2.26 -1.61
C GLY B 112 -5.25 2.32 -0.38
N PHE B 113 -5.58 3.52 0.11
CA PHE B 113 -6.25 3.63 1.41
C PHE B 113 -7.42 2.65 1.51
N GLY B 114 -8.21 2.53 0.45
CA GLY B 114 -9.30 1.59 0.42
C GLY B 114 -10.67 2.17 0.71
N MET B 115 -10.77 3.48 0.91
CA MET B 115 -12.08 4.10 1.12
C MET B 115 -12.93 4.13 -0.14
N THR B 116 -12.31 4.04 -1.31
CA THR B 116 -13.02 4.04 -2.59
C THR B 116 -12.45 2.94 -3.46
N THR B 117 -13.30 2.02 -3.91
CA THR B 117 -12.88 0.91 -4.75
C THR B 117 -13.82 0.75 -5.93
N PRO B 118 -13.32 0.25 -7.05
CA PRO B 118 -14.21 -0.03 -8.19
C PRO B 118 -15.20 -1.13 -7.86
N ALA B 119 -16.38 -1.05 -8.48
CA ALA B 119 -17.47 -1.97 -8.18
C ALA B 119 -18.09 -2.63 -9.39
N THR B 120 -17.82 -2.17 -10.61
CA THR B 120 -18.42 -2.72 -11.81
C THR B 120 -17.34 -3.32 -12.70
N VAL B 121 -17.71 -4.40 -13.40
CA VAL B 121 -16.81 -4.99 -14.38
C VAL B 121 -16.62 -4.01 -15.53
N GLY B 122 -15.38 -3.77 -15.90
CA GLY B 122 -15.06 -2.71 -16.84
C GLY B 122 -14.37 -1.58 -16.12
N GLY B 123 -14.79 -1.32 -14.88
CA GLY B 123 -14.06 -0.42 -14.01
C GLY B 123 -12.87 -1.04 -13.33
N LYS B 124 -12.69 -2.35 -13.47
CA LYS B 124 -11.55 -3.06 -12.91
C LYS B 124 -10.44 -3.31 -13.93
N ILE B 125 -10.80 -3.59 -15.18
CA ILE B 125 -9.78 -3.78 -16.22
C ILE B 125 -9.05 -2.47 -16.47
N PHE B 126 -9.81 -1.37 -16.60
CA PHE B 126 -9.19 -0.07 -16.76
C PHE B 126 -8.29 0.25 -15.57
N LEU B 127 -8.67 -0.20 -14.37
CA LEU B 127 -7.80 -0.03 -13.22
C LEU B 127 -6.47 -0.75 -13.42
N ILE B 128 -6.53 -1.98 -13.95
CA ILE B 128 -5.30 -2.74 -14.16
C ILE B 128 -4.37 -2.01 -15.11
N PHE B 129 -4.89 -1.60 -16.28
CA PHE B 129 -4.04 -0.94 -17.25
C PHE B 129 -3.53 0.42 -16.75
N TYR B 130 -4.41 1.19 -16.12
CA TYR B 130 -4.03 2.50 -15.60
C TYR B 130 -2.92 2.39 -14.57
N GLY B 131 -3.07 1.47 -13.61
CA GLY B 131 -2.03 1.29 -12.62
C GLY B 131 -0.73 0.79 -13.22
N LEU B 132 -0.82 -0.15 -14.16
CA LEU B 132 0.39 -0.69 -14.78
C LEU B 132 1.18 0.41 -15.47
N VAL B 133 0.49 1.34 -16.12
CA VAL B 133 1.24 2.41 -16.81
C VAL B 133 1.67 3.51 -15.84
N GLY B 134 0.94 3.74 -14.75
CA GLY B 134 1.24 4.86 -13.89
C GLY B 134 2.25 4.64 -12.78
N CYS B 135 2.29 3.42 -12.23
CA CYS B 135 3.20 3.16 -11.12
C CYS B 135 4.66 3.30 -11.55
N SER B 136 4.98 2.84 -12.76
CA SER B 136 6.34 2.97 -13.27
C SER B 136 6.74 4.44 -13.40
N SER B 137 5.84 5.26 -13.92
CA SER B 137 6.13 6.69 -14.06
C SER B 137 6.36 7.33 -12.71
N THR B 138 5.55 6.96 -11.70
CA THR B 138 5.75 7.52 -10.37
C THR B 138 7.10 7.11 -9.79
N ILE B 139 7.49 5.85 -9.99
CA ILE B 139 8.80 5.40 -9.49
C ILE B 139 9.93 6.18 -10.16
N LEU B 140 9.82 6.37 -11.48
CA LEU B 140 10.83 7.16 -12.19
C LEU B 140 10.89 8.58 -11.64
N PHE B 141 9.74 9.18 -11.36
CA PHE B 141 9.71 10.53 -10.80
C PHE B 141 10.43 10.57 -9.45
N PHE B 142 10.20 9.59 -8.60
CA PHE B 142 10.87 9.56 -7.30
C PHE B 142 12.39 9.46 -7.46
N ASN B 143 12.84 8.60 -8.38
CA ASN B 143 14.28 8.47 -8.59
C ASN B 143 14.90 9.76 -9.10
N LEU B 144 14.23 10.43 -10.04
CA LEU B 144 14.75 11.70 -10.55
C LEU B 144 14.80 12.75 -9.44
N PHE B 145 13.78 12.77 -8.57
CA PHE B 145 13.82 13.70 -7.45
C PHE B 145 15.01 13.45 -6.54
N LEU B 146 15.29 12.19 -6.25
CA LEU B 146 16.44 11.88 -5.39
C LEU B 146 17.74 12.36 -6.03
N GLU B 147 17.89 12.12 -7.33
CA GLU B 147 19.10 12.57 -8.01
C GLU B 147 19.25 14.08 -7.94
N ARG B 148 18.15 14.82 -8.20
CA ARG B 148 18.22 16.27 -8.14
C ARG B 148 18.58 16.76 -6.74
N LEU B 149 18.01 16.12 -5.71
CA LEU B 149 18.32 16.52 -4.34
C LEU B 149 19.79 16.31 -4.03
N ILE B 150 20.36 15.18 -4.43
CA ILE B 150 21.77 14.95 -4.17
C ILE B 150 22.63 15.99 -4.88
N THR B 151 22.29 16.30 -6.13
CA THR B 151 23.07 17.29 -6.88
C THR B 151 23.02 18.65 -6.21
N ILE B 152 21.83 19.07 -5.77
CA ILE B 152 21.70 20.39 -5.16
C ILE B 152 22.43 20.45 -3.82
N ILE B 153 22.40 19.34 -3.07
CA ILE B 153 23.16 19.30 -1.82
C ILE B 153 24.64 19.47 -2.09
N ALA B 154 25.15 18.77 -3.11
CA ALA B 154 26.56 18.89 -3.44
C ALA B 154 26.91 20.32 -3.85
N TYR B 155 26.07 20.95 -4.66
CA TYR B 155 26.34 22.32 -5.09
C TYR B 155 26.35 23.27 -3.90
N ILE B 156 25.38 23.13 -2.99
CA ILE B 156 25.34 24.00 -1.83
C ILE B 156 26.58 23.83 -0.98
N MET B 157 26.99 22.58 -0.75
CA MET B 157 28.18 22.34 0.08
C MET B 157 29.43 22.94 -0.57
N LYS B 158 29.58 22.76 -1.88
CA LYS B 158 30.75 23.32 -2.57
C LYS B 158 30.75 24.83 -2.49
N SER B 159 29.60 25.47 -2.71
CA SER B 159 29.53 26.92 -2.65
C SER B 159 29.83 27.43 -1.25
N CYS B 160 29.30 26.76 -0.23
CA CYS B 160 29.57 27.17 1.15
C CYS B 160 31.05 27.04 1.49
N HIS B 161 31.68 25.94 1.06
CA HIS B 161 33.10 25.79 1.32
C HIS B 161 33.91 26.88 0.60
N GLN B 162 33.54 27.18 -0.65
CA GLN B 162 34.27 28.21 -1.38
C GLN B 162 34.12 29.57 -0.70
N ARG B 163 32.92 29.90 -0.25
CA ARG B 163 32.71 31.18 0.42
C ARG B 163 33.47 31.24 1.74
N GLN B 164 33.53 30.13 2.46
CA GLN B 164 34.20 30.16 3.78
C GLN B 164 35.70 30.31 3.51
N LEU B 165 36.20 29.68 2.44
CA LEU B 165 37.62 29.76 2.18
C LEU B 165 38.08 31.21 2.05
N ARG B 166 37.32 32.04 1.34
CA ARG B 166 37.66 33.45 1.15
C ARG B 166 37.15 34.25 2.34
N ARG B 167 37.88 34.14 3.44
CA ARG B 167 37.51 34.83 4.67
C ARG B 167 38.63 35.77 5.12
N ALA B 188 30.56 18.86 -8.72
CA ALA B 188 31.49 18.01 -9.46
C ALA B 188 32.04 16.91 -8.57
N GLY B 189 33.20 17.16 -7.96
CA GLY B 189 33.84 16.19 -7.10
C GLY B 189 33.53 16.40 -5.64
N TRP B 190 32.47 17.14 -5.34
CA TRP B 190 32.08 17.47 -3.97
C TRP B 190 30.86 16.66 -3.54
N LYS B 191 30.78 15.41 -3.97
CA LYS B 191 29.62 14.58 -3.63
C LYS B 191 29.62 14.25 -2.15
N PRO B 192 28.55 14.55 -1.43
CA PRO B 192 28.50 14.21 0.00
C PRO B 192 28.38 12.70 0.20
N SER B 193 28.80 12.26 1.39
CA SER B 193 28.74 10.85 1.73
C SER B 193 27.30 10.46 2.09
N VAL B 194 27.11 9.15 2.29
CA VAL B 194 25.76 8.63 2.53
C VAL B 194 25.25 9.08 3.89
N TYR B 195 26.13 9.16 4.88
CA TYR B 195 25.70 9.49 6.24
C TYR B 195 25.05 10.87 6.30
N TYR B 196 25.65 11.86 5.65
CA TYR B 196 25.09 13.20 5.68
C TYR B 196 23.76 13.26 4.94
N VAL B 197 23.65 12.53 3.82
CA VAL B 197 22.38 12.48 3.11
C VAL B 197 21.29 11.89 3.98
N MET B 198 21.62 10.81 4.71
CA MET B 198 20.63 10.20 5.59
C MET B 198 20.21 11.16 6.69
N LEU B 199 21.17 11.88 7.29
CA LEU B 199 20.81 12.83 8.34
C LEU B 199 19.93 13.94 7.80
N ILE B 200 20.25 14.47 6.62
CA ILE B 200 19.44 15.53 6.04
C ILE B 200 18.04 15.04 5.74
N LEU B 201 17.92 13.83 5.19
CA LEU B 201 16.58 13.30 4.90
C LEU B 201 15.78 13.08 6.18
N CYS B 202 16.42 12.59 7.23
CA CYS B 202 15.70 12.40 8.49
C CYS B 202 15.20 13.73 9.04
N THR B 203 16.06 14.75 9.03
CA THR B 203 15.63 16.05 9.53
C THR B 203 14.48 16.62 8.71
N ALA B 204 14.57 16.52 7.39
CA ALA B 204 13.51 17.05 6.53
C ALA B 204 12.21 16.30 6.77
N SER B 205 12.27 14.98 6.91
CA SER B 205 11.05 14.20 7.12
C SER B 205 10.42 14.56 8.46
N ILE B 206 11.22 14.71 9.51
CA ILE B 206 10.66 15.08 10.81
C ILE B 206 10.00 16.45 10.73
N LEU B 207 10.67 17.41 10.08
CA LEU B 207 10.10 18.75 9.97
C LEU B 207 8.79 18.73 9.19
N ILE B 208 8.74 18.01 8.09
CA ILE B 208 7.52 17.95 7.29
C ILE B 208 6.40 17.30 8.07
N SER B 209 6.70 16.21 8.77
CA SER B 209 5.67 15.53 9.54
C SER B 209 5.12 16.42 10.65
N CYS B 210 6.00 17.13 11.35
CA CYS B 210 5.52 18.02 12.41
C CYS B 210 4.68 19.16 11.84
N CYS B 211 5.11 19.75 10.72
CA CYS B 211 4.33 20.83 10.13
C CYS B 211 2.97 20.34 9.67
N ALA B 212 2.91 19.14 9.08
CA ALA B 212 1.62 18.59 8.66
C ALA B 212 0.73 18.30 9.86
N SER B 213 1.29 17.72 10.93
CA SER B 213 0.50 17.41 12.10
C SER B 213 0.06 18.66 12.85
N ALA B 214 0.72 19.80 12.60
CA ALA B 214 0.18 21.06 13.11
C ALA B 214 -1.21 21.31 12.55
N MET B 215 -1.42 20.99 11.29
CA MET B 215 -2.75 20.90 10.72
C MET B 215 -3.33 19.51 11.01
N TYR B 216 -4.58 19.31 10.59
CA TYR B 216 -5.32 18.08 10.86
C TYR B 216 -5.74 17.96 12.33
N THR B 217 -5.19 18.80 13.19
CA THR B 217 -5.56 18.74 14.60
C THR B 217 -6.80 19.56 14.87
N PRO B 218 -6.86 20.82 14.42
CA PRO B 218 -8.07 21.62 14.64
C PRO B 218 -9.16 21.34 13.62
N ILE B 219 -8.77 21.04 12.37
CA ILE B 219 -9.76 20.86 11.32
C ILE B 219 -10.53 19.57 11.53
N GLU B 220 -9.84 18.50 11.86
CA GLU B 220 -10.45 17.23 12.22
C GLU B 220 -10.10 16.93 13.67
N GLY B 221 -11.01 16.28 14.38
CA GLY B 221 -10.78 16.09 15.80
C GLY B 221 -9.93 14.87 16.07
N TRP B 222 -8.62 15.09 16.19
CA TRP B 222 -7.64 14.05 16.40
C TRP B 222 -6.65 14.52 17.45
N SER B 223 -5.98 13.57 18.08
CA SER B 223 -4.85 13.93 18.93
C SER B 223 -3.63 14.21 18.06
N TYR B 224 -2.64 14.87 18.66
CA TYR B 224 -1.40 15.14 17.93
C TYR B 224 -0.70 13.84 17.58
N PHE B 225 -0.68 12.89 18.52
CA PHE B 225 -0.04 11.60 18.25
C PHE B 225 -0.77 10.84 17.15
N ASP B 226 -2.11 10.94 17.10
CA ASP B 226 -2.84 10.32 16.01
C ASP B 226 -2.48 10.95 14.67
N SER B 227 -2.28 12.27 14.65
CA SER B 227 -1.85 12.93 13.42
C SER B 227 -0.48 12.42 12.99
N LEU B 228 0.45 12.28 13.93
CA LEU B 228 1.78 11.77 13.58
C LEU B 228 1.70 10.34 13.06
N TYR B 229 0.87 9.52 13.70
CA TYR B 229 0.70 8.13 13.25
C TYR B 229 0.13 8.08 11.83
N PHE B 230 -0.89 8.90 11.55
CA PHE B 230 -1.44 8.95 10.20
C PHE B 230 -0.40 9.42 9.20
N CYS B 231 0.39 10.42 9.56
CA CYS B 231 1.41 10.92 8.64
C CYS B 231 2.42 9.83 8.31
N PHE B 232 2.87 9.09 9.32
CA PHE B 232 3.83 8.02 9.04
C PHE B 232 3.20 6.91 8.20
N VAL B 233 1.96 6.54 8.49
CA VAL B 233 1.33 5.45 7.75
C VAL B 233 1.12 5.85 6.29
N ALA B 234 0.73 7.10 6.04
CA ALA B 234 0.48 7.54 4.68
C ALA B 234 1.78 7.76 3.91
N PHE B 235 2.79 8.36 4.55
CA PHE B 235 4.01 8.70 3.83
C PHE B 235 4.79 7.47 3.39
N SER B 236 4.76 6.40 4.20
CA SER B 236 5.49 5.19 3.87
C SER B 236 4.78 4.34 2.83
N THR B 237 3.66 4.81 2.28
CA THR B 237 2.88 4.08 1.30
C THR B 237 2.38 2.74 1.84
N ILE B 238 2.14 2.65 3.14
CA ILE B 238 1.48 1.48 3.69
C ILE B 238 -0.03 1.60 3.54
N GLY B 239 -0.61 2.64 4.12
CA GLY B 239 -2.01 2.94 3.91
C GLY B 239 -2.97 1.93 4.49
N PHE B 240 -3.04 1.83 5.81
CA PHE B 240 -3.98 0.91 6.43
C PHE B 240 -5.41 1.28 6.11
N GLY B 241 -5.74 2.57 6.18
CA GLY B 241 -7.08 3.05 5.89
C GLY B 241 -7.95 3.30 7.10
N ASP B 242 -7.44 3.07 8.31
CA ASP B 242 -8.23 3.34 9.50
C ASP B 242 -8.40 4.84 9.74
N LEU B 243 -7.44 5.65 9.29
CA LEU B 243 -7.54 7.10 9.35
C LEU B 243 -7.31 7.66 7.96
N VAL B 244 -8.33 8.30 7.40
CA VAL B 244 -8.24 8.96 6.10
C VAL B 244 -8.68 10.41 6.27
N SER B 245 -7.94 11.32 5.65
CA SER B 245 -8.15 12.75 5.83
C SER B 245 -9.03 13.32 4.73
N SER B 246 -9.66 14.46 5.05
CA SER B 246 -10.40 15.27 4.08
C SER B 246 -11.59 14.52 3.49
N GLN B 247 -12.49 14.09 4.37
CA GLN B 247 -13.82 13.63 3.93
C GLN B 247 -14.82 13.86 5.06
N ASN B 248 -15.51 15.00 5.01
CA ASN B 248 -16.58 15.28 5.96
C ASN B 248 -17.77 15.97 5.31
N ALA B 249 -17.76 16.13 3.99
CA ALA B 249 -18.85 16.77 3.25
C ALA B 249 -18.93 18.27 3.51
N HIS B 250 -18.11 18.78 4.44
CA HIS B 250 -18.03 20.22 4.66
C HIS B 250 -16.80 20.53 5.48
N TYR B 251 -15.90 21.35 4.93
CA TYR B 251 -14.63 21.68 5.59
C TYR B 251 -14.38 23.18 5.51
N GLU B 252 -15.36 23.97 5.92
CA GLU B 252 -15.23 25.43 5.83
C GLU B 252 -14.71 25.82 4.45
N SER B 253 -13.53 26.45 4.41
CA SER B 253 -13.03 26.98 3.14
C SER B 253 -13.06 25.91 2.05
N GLN B 254 -12.47 24.75 2.34
CA GLN B 254 -12.58 23.57 1.48
C GLN B 254 -11.85 23.74 0.16
N GLY B 255 -11.32 24.92 -0.12
CA GLY B 255 -10.60 25.13 -1.35
C GLY B 255 -9.11 24.91 -1.19
N LEU B 256 -8.51 25.63 -0.24
CA LEU B 256 -7.09 25.51 0.02
C LEU B 256 -6.75 24.24 0.81
N TYR B 257 -7.72 23.67 1.52
CA TYR B 257 -7.45 22.49 2.34
C TYR B 257 -7.02 21.31 1.48
N ARG B 258 -7.72 21.09 0.36
CA ARG B 258 -7.37 19.98 -0.52
C ARG B 258 -5.99 20.19 -1.17
N PHE B 259 -5.71 21.43 -1.58
CA PHE B 259 -4.40 21.73 -2.16
C PHE B 259 -3.29 21.47 -1.15
N ALA B 260 -3.49 21.92 0.10
CA ALA B 260 -2.49 21.68 1.14
C ALA B 260 -2.31 20.19 1.40
N ASN B 261 -3.40 19.44 1.43
CA ASN B 261 -3.31 18.00 1.63
C ASN B 261 -2.49 17.35 0.53
N PHE B 262 -2.75 17.72 -0.72
CA PHE B 262 -2.02 17.17 -1.85
C PHE B 262 -0.52 17.47 -1.73
N VAL B 263 -0.19 18.73 -1.44
CA VAL B 263 1.22 19.12 -1.36
C VAL B 263 1.93 18.35 -0.25
N PHE B 264 1.31 18.30 0.93
CA PHE B 264 1.94 17.64 2.07
C PHE B 264 2.17 16.16 1.79
N ILE B 265 1.16 15.48 1.25
CA ILE B 265 1.31 14.06 0.99
C ILE B 265 2.41 13.80 -0.03
N LEU B 266 2.45 14.59 -1.10
CA LEU B 266 3.48 14.40 -2.11
C LEU B 266 4.88 14.56 -1.52
N MET B 267 5.11 15.65 -0.77
CA MET B 267 6.43 15.89 -0.23
C MET B 267 6.84 14.79 0.75
N GLY B 268 5.90 14.38 1.62
CA GLY B 268 6.23 13.33 2.57
C GLY B 268 6.58 12.01 1.90
N VAL B 269 5.82 11.63 0.87
CA VAL B 269 6.12 10.38 0.18
C VAL B 269 7.50 10.43 -0.46
N CYS B 270 7.83 11.54 -1.12
CA CYS B 270 9.15 11.65 -1.73
C CYS B 270 10.25 11.49 -0.69
N CYS B 271 10.15 12.22 0.43
CA CYS B 271 11.20 12.17 1.43
C CYS B 271 11.35 10.78 2.03
N ILE B 272 10.23 10.12 2.34
CA ILE B 272 10.31 8.80 2.98
C ILE B 272 10.89 7.78 2.02
N TYR B 273 10.50 7.81 0.74
CA TYR B 273 11.07 6.87 -0.21
C TYR B 273 12.59 7.06 -0.34
N SER B 274 13.04 8.31 -0.39
CA SER B 274 14.48 8.56 -0.45
C SER B 274 15.19 8.01 0.78
N LEU B 275 14.60 8.22 1.95
CA LEU B 275 15.21 7.69 3.18
C LEU B 275 15.31 6.18 3.14
N PHE B 276 14.25 5.50 2.65
CA PHE B 276 14.29 4.05 2.56
C PHE B 276 15.43 3.59 1.65
N ASN B 277 15.60 4.24 0.50
CA ASN B 277 16.67 3.84 -0.41
C ASN B 277 18.05 4.01 0.24
N VAL B 278 18.26 5.14 0.92
CA VAL B 278 19.56 5.37 1.55
C VAL B 278 19.83 4.32 2.63
N ILE B 279 18.82 4.01 3.45
CA ILE B 279 19.03 3.02 4.50
C ILE B 279 19.30 1.65 3.88
N SER B 280 18.68 1.35 2.75
CA SER B 280 18.97 0.08 2.08
C SER B 280 20.42 0.01 1.64
N ILE B 281 20.96 1.11 1.11
CA ILE B 281 22.37 1.13 0.72
C ILE B 281 23.26 0.85 1.94
N LEU B 282 22.95 1.50 3.06
CA LEU B 282 23.76 1.28 4.27
C LEU B 282 23.68 -0.18 4.72
N ILE B 283 22.49 -0.77 4.67
CA ILE B 283 22.34 -2.18 5.09
C ILE B 283 23.15 -3.09 4.18
N LYS B 284 23.17 -2.81 2.88
CA LYS B 284 23.97 -3.61 1.97
C LYS B 284 25.45 -3.53 2.32
N GLN B 285 25.92 -2.32 2.63
CA GLN B 285 27.34 -2.13 3.03
C GLN B 285 27.62 -2.99 4.26
N SER B 286 26.72 -2.93 5.25
CA SER B 286 26.92 -3.69 6.49
C SER B 286 26.96 -5.20 6.22
N LEU B 287 26.08 -5.69 5.35
CA LEU B 287 26.10 -7.11 5.00
C LEU B 287 27.41 -7.49 4.35
N ASN B 288 27.93 -6.64 3.46
CA ASN B 288 29.22 -6.91 2.84
C ASN B 288 30.31 -7.02 3.90
N TRP B 289 30.32 -6.12 4.88
CA TRP B 289 31.31 -6.20 5.94
C TRP B 289 31.16 -7.49 6.73
N ILE B 290 29.93 -7.88 7.05
CA ILE B 290 29.71 -9.09 7.84
C ILE B 290 30.25 -10.31 7.09
N LEU B 291 29.94 -10.39 5.79
CA LEU B 291 30.43 -11.52 5.00
C LEU B 291 31.95 -11.50 4.92
N ARG B 292 32.55 -10.32 4.79
CA ARG B 292 34.01 -10.23 4.72
C ARG B 292 34.65 -10.73 6.01
N LYS B 293 34.09 -10.33 7.16
CA LYS B 293 34.66 -10.76 8.44
C LYS B 293 34.56 -12.28 8.61
N MET B 294 33.42 -12.86 8.29
CA MET B 294 33.25 -14.30 8.44
C MET B 294 34.10 -15.04 7.41
N ASP B 295 34.70 -16.14 7.85
CA ASP B 295 35.49 -16.99 6.96
C ASP B 295 34.89 -18.39 6.89
C1 HEX C . 20.63 -18.64 -8.41
C2 HEX C . 19.41 -18.69 -7.60
C3 HEX C . 18.23 -18.31 -8.40
C4 HEX C . 17.12 -18.20 -7.44
C5 HEX C . 15.71 -18.64 -7.75
C6 HEX C . 14.96 -17.79 -8.74
H11 HEX C . 20.43 -19.09 -9.38
H12 HEX C . 21.41 -19.19 -7.91
H13 HEX C . 20.93 -17.61 -8.55
H21 HEX C . 19.50 -18.00 -6.78
H22 HEX C . 19.27 -19.70 -7.23
H31 HEX C . 18.02 -19.08 -9.12
H32 HEX C . 18.41 -17.37 -8.89
H41 HEX C . 17.41 -18.73 -6.55
H42 HEX C . 17.05 -17.15 -7.17
H51 HEX C . 15.75 -19.63 -8.15
H52 HEX C . 15.14 -18.66 -6.83
H61 HEX C . 13.89 -17.98 -8.65
H62 HEX C . 15.29 -18.02 -9.74
H63 HEX C . 15.15 -16.74 -8.52
C1 D12 D . 3.39 -24.56 -3.56
C2 D12 D . 2.77 -25.37 -2.43
C3 D12 D . 1.76 -26.38 -2.95
C4 D12 D . 0.84 -26.90 -1.86
C5 D12 D . -0.61 -26.54 -2.12
C6 D12 D . -1.57 -27.42 -1.34
C7 D12 D . -2.96 -26.82 -1.22
C8 D12 D . -4.03 -27.88 -1.35
C9 D12 D . -5.17 -27.70 -0.38
C10 D12 D . -6.16 -28.84 -0.50
C11 D12 D . -7.56 -28.49 0.01
C12 D12 D . -8.60 -29.57 -0.33
H11 D12 D . 2.77 -23.70 -3.77
H12 D12 D . 3.46 -25.18 -4.45
H13 D12 D . 4.38 -24.23 -3.26
H21 D12 D . 2.28 -24.70 -1.74
H22 D12 D . 3.56 -25.90 -1.91
H31 D12 D . 2.29 -27.22 -3.40
H32 D12 D . 1.16 -25.91 -3.72
H41 D12 D . 1.15 -26.47 -0.91
H42 D12 D . 0.92 -27.98 -1.80
H51 D12 D . -0.77 -25.50 -1.83
H52 D12 D . -0.82 -26.64 -3.18
H61 D12 D . -1.63 -28.38 -1.84
H62 D12 D . -1.17 -27.58 -0.34
H71 D12 D . -3.06 -26.32 -0.26
H72 D12 D . -3.08 -26.08 -2.01
H81 D12 D . -3.58 -28.85 -1.17
H82 D12 D . -4.42 -27.87 -2.36
H91 D12 D . -5.68 -26.76 -0.59
H92 D12 D . -4.78 -27.66 0.64
H101 D12 D . -6.23 -29.13 -1.54
H102 D12 D . -5.79 -29.69 0.07
H111 D12 D . -7.86 -27.56 -0.44
H112 D12 D . -7.51 -28.38 1.08
H121 D12 D . -8.09 -30.52 -0.48
H122 D12 D . -9.30 -29.66 0.49
H123 D12 D . -9.11 -29.29 -1.24
C1 HEX E . 8.14 -22.80 13.18
C2 HEX E . 7.24 -23.13 14.37
C3 HEX E . 5.86 -22.48 14.21
C4 HEX E . 4.82 -23.05 15.15
C5 HEX E . 3.44 -22.79 14.57
C6 HEX E . 2.34 -22.85 15.62
H11 HEX E . 7.64 -22.09 12.54
H12 HEX E . 8.34 -23.71 12.64
H13 HEX E . 9.07 -22.38 13.54
H21 HEX E . 7.69 -22.77 15.28
H22 HEX E . 7.11 -24.20 14.43
H31 HEX E . 5.53 -22.68 13.20
H32 HEX E . 5.94 -21.42 14.36
H41 HEX E . 4.97 -24.12 15.24
H42 HEX E . 4.91 -22.57 16.11
H51 HEX E . 3.44 -21.81 14.10
H52 HEX E . 3.23 -23.54 13.80
H61 HEX E . 2.76 -22.61 16.59
H62 HEX E . 1.92 -23.84 15.65
H63 HEX E . 1.57 -22.13 15.38
C1 OCT F . -1.89 -25.88 -8.18
C2 OCT F . -2.87 -25.63 -7.06
C3 OCT F . -3.76 -26.83 -6.79
C4 OCT F . -4.98 -26.84 -7.68
C5 OCT F . -6.25 -26.52 -6.92
C6 OCT F . -6.90 -27.77 -6.33
C7 OCT F . -8.10 -27.39 -5.48
C8 OCT F . -9.15 -28.50 -5.46
H11 OCT F . -2.42 -26.24 -9.05
H12 OCT F . -1.37 -24.96 -8.43
H13 OCT F . -1.17 -26.63 -7.87
H21 OCT F . -3.50 -24.78 -7.32
H22 OCT F . -2.32 -25.39 -6.15
H31 OCT F . -3.18 -27.73 -6.96
H32 OCT F . -4.07 -26.81 -5.75
H41 OCT F . -4.85 -26.11 -8.47
H42 OCT F . -5.08 -27.83 -8.13
H51 OCT F . -6.96 -26.05 -7.58
H52 OCT F . -6.02 -25.84 -6.11
H61 OCT F . -7.21 -28.41 -7.14
H62 OCT F . -6.18 -28.29 -5.72
H71 OCT F . -7.77 -27.20 -4.48
H72 OCT F . -8.55 -26.49 -5.89
H81 OCT F . -10.07 -28.11 -5.06
H82 OCT F . -9.31 -28.86 -6.47
H83 OCT F . -8.80 -29.31 -4.84
C27 R16 G . -2.70 -27.11 11.36
C28 R16 G . -2.58 -25.71 11.93
C29 R16 G . -1.16 -25.20 11.79
C30 R16 G . -1.05 -23.73 12.12
C31 R16 G . -0.71 -22.90 10.89
C32 R16 G . 0.81 -22.78 10.69
C33 R16 G . 1.17 -22.39 9.27
C34 R16 G . 2.66 -22.11 9.13
C35 R16 G . 2.98 -20.64 9.42
C36 R16 G . 3.94 -20.10 8.38
C37 R16 G . 5.35 -20.53 8.70
C38 R16 G . 6.25 -20.39 7.50
C39 R16 G . 7.61 -19.94 7.94
C40 R16 G . 8.55 -19.89 6.79
C41 R16 G . 9.65 -20.85 7.01
C42 R16 G . 10.59 -20.83 5.85
H271 R16 G . -2.94 -27.11 10.29
H272 R16 G . -1.77 -27.69 11.48
H273 R16 G . -3.49 -27.69 11.86
H281 R16 G . -2.89 -25.71 12.98
H282 R16 G . -3.29 -25.03 11.42
H291 R16 G . -0.49 -25.80 12.45
H292 R16 G . -0.78 -25.41 10.77
H301 R16 G . -2.01 -23.39 12.56
H302 R16 G . -0.31 -23.57 12.91
H311 R16 G . -1.18 -23.33 9.98
H312 R16 G . -1.15 -21.89 10.97
H321 R16 G . 1.24 -22.06 11.42
H322 R16 G . 1.30 -23.74 10.95
H331 R16 G . 0.86 -23.18 8.56
H332 R16 G . 0.58 -21.50 8.95
H341 R16 G . 3.02 -22.39 8.13
H342 R16 G . 3.24 -22.76 9.82
H351 R16 G . 3.41 -20.53 10.44
H352 R16 G . 2.05 -20.04 9.46
H361 R16 G . 3.88 -18.99 8.35
H362 R16 G . 3.64 -20.43 7.37
H371 R16 G . 5.37 -21.58 9.06
H372 R16 G . 5.76 -19.95 9.55
H381 R16 G . 5.83 -19.65 6.77
H382 R16 G . 6.32 -21.33 6.94
H391 R16 G . 7.56 -18.96 8.43
H392 R16 G . 8.00 -20.64 8.71
H401 R16 G . 8.94 -18.87 6.66
H402 R16 G . 8.02 -20.11 5.85
H411 R16 G . 9.25 -21.88 7.16
H412 R16 G . 10.18 -20.61 7.94
H421 R16 G . 11.55 -20.37 6.11
H422 R16 G . 10.83 -21.84 5.47
H423 R16 G . 10.19 -20.26 5.00
C1 OCT H . 9.51 -25.72 4.52
C2 OCT H . 8.55 -26.85 4.86
C3 OCT H . 7.42 -26.37 5.78
C4 OCT H . 6.10 -27.06 5.44
C5 OCT H . 5.01 -26.68 6.42
C6 OCT H . 3.95 -27.77 6.53
C7 OCT H . 3.23 -27.71 7.86
C8 OCT H . 2.22 -28.84 7.98
H11 OCT H . 9.06 -25.08 3.77
H12 OCT H . 9.73 -25.15 5.41
H13 OCT H . 10.43 -26.14 4.12
H21 OCT H . 9.09 -27.63 5.36
H22 OCT H . 8.10 -27.23 3.95
H31 OCT H . 7.68 -26.60 6.80
H32 OCT H . 7.30 -25.31 5.67
H41 OCT H . 5.80 -26.77 4.44
H42 OCT H . 6.25 -28.14 5.48
H51 OCT H . 4.54 -25.76 6.09
H52 OCT H . 5.45 -26.52 7.40
H61 OCT H . 3.24 -27.64 5.73
H62 OCT H . 4.43 -28.74 6.43
H71 OCT H . 3.95 -27.78 8.66
H72 OCT H . 2.71 -26.77 7.93
H81 OCT H . 1.36 -28.51 8.54
H82 OCT H . 1.91 -29.15 6.99
H83 OCT H . 2.68 -29.68 8.48
C1 OCT I . -10.25 4.74 -23.13
C2 OCT I . -11.50 5.60 -23.30
C3 OCT I . -12.76 4.90 -22.82
C4 OCT I . -13.84 5.89 -22.43
C5 OCT I . -15.24 5.29 -22.56
C6 OCT I . -16.17 5.74 -21.45
C7 OCT I . -17.30 4.74 -21.24
C8 OCT I . -18.65 5.42 -21.12
H11 OCT I . -10.48 3.71 -23.41
H12 OCT I . -9.46 5.11 -23.77
H13 OCT I . -9.93 4.75 -22.10
H21 OCT I . -11.61 5.85 -24.34
H22 OCT I . -11.37 6.51 -22.73
H31 OCT I . -13.13 4.27 -23.61
H32 OCT I . -12.51 4.29 -21.97
H41 OCT I . -13.69 6.20 -21.40
H42 OCT I . -13.77 6.76 -23.08
H51 OCT I . -15.15 4.21 -22.54
H52 OCT I . -15.66 5.59 -23.51
H61 OCT I . -15.61 5.83 -20.52
H62 OCT I . -16.59 6.70 -21.70
H71 OCT I . -17.32 4.06 -22.08
H72 OCT I . -17.11 4.17 -20.34
H81 OCT I . -18.89 5.91 -22.05
H82 OCT I . -19.40 4.68 -20.88
H83 OCT I . -18.61 6.15 -20.32
C1 OCT J . -8.79 -9.43 -19.10
C2 OCT J . -10.08 -10.16 -18.78
C3 OCT J . -11.31 -9.41 -19.25
C4 OCT J . -12.54 -10.29 -19.41
C5 OCT J . -13.50 -10.15 -18.25
C6 OCT J . -14.79 -10.89 -18.50
C7 OCT J . -15.74 -10.81 -17.32
C8 OCT J . -17.19 -11.01 -17.72
H11 OCT J . -8.64 -9.43 -20.17
H12 OCT J . -8.85 -8.42 -18.74
H13 OCT J . -7.95 -9.94 -18.63
H21 OCT J . -10.15 -10.31 -17.71
H22 OCT J . -10.06 -11.13 -19.27
H31 OCT J . -11.53 -8.64 -18.52
H32 OCT J . -11.09 -8.94 -20.20
H41 OCT J . -13.05 -10.02 -20.33
H42 OCT J . -12.22 -11.33 -19.48
H51 OCT J . -13.72 -9.11 -18.10
H52 OCT J . -13.04 -10.55 -17.36
H61 OCT J . -15.29 -10.45 -19.37
H62 OCT J . -14.58 -11.94 -18.71
H71 OCT J . -15.46 -11.58 -16.60
H72 OCT J . -15.62 -9.84 -16.85
H81 OCT J . -17.81 -11.08 -16.83
H82 OCT J . -17.51 -10.17 -18.33
H83 OCT J . -17.28 -11.93 -18.29
C1 OCT K . -6.87 14.97 -21.30
C2 OCT K . -7.26 15.81 -20.10
C3 OCT K . -8.77 16.05 -20.01
C4 OCT K . -9.08 17.31 -19.24
C5 OCT K . -9.90 17.06 -17.99
C6 OCT K . -11.40 17.04 -18.25
C7 OCT K . -12.15 17.87 -17.23
C8 OCT K . -13.67 17.73 -17.37
H11 OCT K . -5.84 14.65 -21.19
H12 OCT K . -7.51 14.10 -21.36
H13 OCT K . -6.98 15.56 -22.21
H21 OCT K . -6.76 16.77 -20.17
H22 OCT K . -6.94 15.31 -19.19
H31 OCT K . -9.17 16.13 -21.02
H32 OCT K . -9.23 15.20 -19.52
H41 OCT K . -8.15 17.79 -18.95
H42 OCT K . -9.63 17.99 -19.88
H51 OCT K . -9.69 17.83 -17.27
H52 OCT K . -9.61 16.10 -17.57
H61 OCT K . -11.59 17.43 -19.24
H62 OCT K . -11.75 16.02 -18.22
H71 OCT K . -11.85 17.55 -16.23
H72 OCT K . -11.88 18.91 -17.36
H81 OCT K . -14.15 18.33 -16.61
H82 OCT K . -13.96 18.07 -18.35
H83 OCT K . -13.94 16.69 -17.24
C1 D12 L . 22.60 -21.92 -4.23
C2 D12 L . 21.09 -21.78 -3.98
C3 D12 L . 20.65 -20.34 -3.76
C4 D12 L . 19.14 -20.23 -3.53
C5 D12 L . 18.80 -19.33 -2.34
C6 D12 L . 17.36 -19.49 -1.85
C7 D12 L . 16.77 -18.16 -1.41
C8 D12 L . 15.31 -18.30 -1.02
C9 D12 L . 14.40 -18.49 -2.22
C10 D12 L . 13.12 -17.67 -2.13
C11 D12 L . 13.26 -16.27 -2.69
C12 D12 L . 12.14 -15.92 -3.67
H11 D12 L . 23.13 -21.22 -3.58
H12 D12 L . 22.81 -21.69 -5.26
H13 D12 L . 22.91 -22.93 -4.00
H21 D12 L . 20.82 -22.36 -3.10
H22 D12 L . 20.56 -22.18 -4.85
H31 D12 L . 20.91 -19.75 -4.63
H32 D12 L . 21.17 -19.94 -2.89
H41 D12 L . 18.74 -21.22 -3.35
H42 D12 L . 18.68 -19.80 -4.42
H51 D12 L . 19.47 -19.57 -1.52
H52 D12 L . 18.95 -18.29 -2.62
H61 D12 L . 16.76 -19.89 -2.66
H62 D12 L . 17.34 -20.18 -1.01
H71 D12 L . 17.33 -17.79 -0.56
H72 D12 L . 16.85 -17.46 -2.22
H81 D12 L . 15.01 -17.41 -0.48
H82 D12 L . 15.20 -19.15 -0.36
H91 D12 L . 14.14 -19.54 -2.29
H92 D12 L . 14.94 -18.20 -3.11
H101 D12 L . 12.34 -18.19 -2.66
H102 D12 L . 12.83 -17.60 -1.08
H111 D12 L . 14.21 -16.18 -3.20
H112 D12 L . 13.24 -15.55 -1.88
H121 D12 L . 12.29 -14.91 -4.05
H122 D12 L . 12.15 -16.62 -4.49
H123 D12 L . 11.18 -15.98 -3.15
C1 D12 M . -16.85 11.01 -21.29
C2 D12 M . -15.39 10.61 -21.18
C3 D12 M . -14.49 11.82 -21.26
C4 D12 M . -13.03 11.46 -21.03
C5 D12 M . -12.33 10.97 -22.28
C6 D12 M . -10.94 11.54 -22.42
C7 D12 M . -9.94 10.80 -21.54
C8 D12 M . -8.92 9.98 -22.34
C9 D12 M . -7.55 9.94 -21.69
C10 D12 M . -7.12 8.53 -21.28
C11 D12 M . -5.83 8.56 -20.48
C12 D12 M . -5.98 7.76 -19.20
H11 D12 M . -16.99 11.99 -20.85
H12 D12 M . -17.47 10.30 -20.76
H13 D12 M . -17.14 11.04 -22.33
H21 D12 M . -15.15 9.92 -21.97
H22 D12 M . -15.24 10.12 -20.23
H31 D12 M . -14.80 12.55 -20.52
H32 D12 M . -14.59 12.26 -22.25
H41 D12 M . -12.98 10.67 -20.27
H42 D12 M . -12.51 12.33 -20.66
H51 D12 M . -12.27 9.89 -22.25
H52 D12 M . -12.92 11.25 -23.16
H61 D12 M . -10.62 11.45 -23.45
H62 D12 M . -10.95 12.58 -22.14
H71 D12 M . -9.39 11.54 -20.95
H72 D12 M . -10.47 10.15 -20.86
H81 D12 M . -8.82 10.40 -23.33
H82 D12 M . -9.30 8.96 -22.41
H91 D12 M . -7.56 10.56 -20.79
H92 D12 M . -6.82 10.33 -22.38
H101 D12 M . -7.90 8.08 -20.69
H102 D12 M . -6.98 7.94 -22.18
H111 D12 M . -5.59 9.59 -20.24
H112 D12 M . -5.03 8.13 -21.08
H121 D12 M . -6.66 8.28 -18.53
H122 D12 M . -6.36 6.78 -19.42
H123 D12 M . -5.00 7.68 -18.72
C1 OCT N . 10.90 0.76 21.37
C2 OCT N . 9.53 1.26 21.83
C3 OCT N . 9.21 0.74 23.22
C4 OCT N . 8.27 -0.46 23.18
C5 OCT N . 6.90 -0.09 23.69
C6 OCT N . 6.76 -0.37 25.18
C7 OCT N . 5.76 0.59 25.81
C8 OCT N . 4.79 -0.14 26.73
H11 OCT N . 11.08 1.09 20.35
H12 OCT N . 11.67 1.16 22.02
H13 OCT N . 10.93 -0.32 21.42
H21 OCT N . 8.79 0.91 21.13
H22 OCT N . 9.53 2.33 21.84
H31 OCT N . 10.12 0.46 23.71
H32 OCT N . 8.73 1.53 23.79
H41 OCT N . 8.21 -0.83 22.17
H42 OCT N . 8.69 -1.24 23.82
H51 OCT N . 6.16 -0.68 23.16
H52 OCT N . 6.72 0.96 23.51
H61 OCT N . 6.41 -1.39 25.32
H62 OCT N . 7.72 -0.26 25.66
H71 OCT N . 6.30 1.32 26.38
H72 OCT N . 5.21 1.09 25.02
H81 OCT N . 4.18 0.60 27.25
H82 OCT N . 4.15 -0.79 26.13
H83 OCT N . 5.35 -0.73 27.44
C1 EIC O . -0.58 -16.82 6.64
C2 EIC O . 0.69 -16.15 6.15
C3 EIC O . 0.48 -15.13 5.01
C4 EIC O . 1.62 -14.11 4.96
C5 EIC O . 1.54 -13.32 3.66
C6 EIC O . 2.59 -12.20 3.68
C7 EIC O . 3.42 -12.11 2.39
C8 EIC O . 4.92 -12.14 2.67
C9 EIC O . 5.62 -11.10 1.83
C10 EIC O . 6.87 -10.64 1.95
C11 EIC O . 7.93 -11.02 2.96
C12 EIC O . 9.28 -10.57 2.44
C13 EIC O . 10.45 -11.24 2.41
C14 EIC O . 10.73 -12.64 2.90
C15 EIC O . 11.96 -13.23 2.21
C16 EIC O . 12.39 -14.54 2.87
C17 EIC O . 12.12 -15.75 1.96
C18 EIC O . 12.22 -17.08 2.72
O1 EIC O . -0.67 -17.08 7.81
O2 EIC O . -1.43 -17.05 5.82
H21 EIC O . 1.38 -16.93 5.81
H22 EIC O . 1.17 -15.64 7.00
H31 EIC O . -0.48 -14.61 5.17
H32 EIC O . 0.41 -15.66 4.06
H41 EIC O . 2.57 -14.63 5.03
H42 EIC O . 1.54 -13.43 5.82
H51 EIC O . 0.54 -12.89 3.55
H52 EIC O . 1.72 -13.98 2.81
H61 EIC O . 3.26 -12.38 4.53
H62 EIC O . 2.08 -11.24 3.86
H71 EIC O . 3.15 -11.17 1.88
H72 EIC O . 3.16 -12.94 1.71
H81 EIC O . 5.32 -13.12 2.41
H82 EIC O . 5.11 -11.99 3.74
H91 EIC O . 5.00 -10.69 1.03
H1O1 EIC O . 7.21 -9.88 1.25
H111 EIC O . 7.95 -12.11 3.13
H112 EIC O . 7.68 -10.56 3.92
H121 EIC O . 9.26 -9.56 2.03
H131 EIC O . 11.32 -10.73 1.99
H141 EIC O . 9.88 -13.30 2.75
H142 EIC O . 10.91 -12.60 3.99
H151 EIC O . 12.78 -12.51 2.25
H152 EIC O . 11.74 -13.42 1.16
H161 EIC O . 11.85 -14.68 3.81
H162 EIC O . 13.46 -14.51 3.12
H171 EIC O . 12.83 -15.74 1.12
H172 EIC O . 11.11 -15.66 1.54
H181 EIC O . 12.75 -16.93 3.66
H182 EIC O . 11.23 -17.49 2.93
H183 EIC O . 12.78 -17.81 2.13
C1 D12 P . 8.73 6.94 -29.00
C2 D12 P . 7.84 8.02 -28.39
C3 D12 P . 6.97 7.47 -27.26
C4 D12 P . 6.29 8.58 -26.47
C5 D12 P . 5.41 8.02 -25.36
C6 D12 P . 5.73 8.62 -24.00
C7 D12 P . 5.54 7.62 -22.86
C8 D12 P . 5.15 8.28 -21.55
C9 D12 P . 3.71 7.96 -21.14
C10 D12 P . 3.17 8.96 -20.12
C11 D12 P . 3.12 8.36 -18.74
C12 D12 P . 2.82 9.42 -17.68
H11 D12 P . 8.42 6.75 -30.03
H12 D12 P . 8.65 6.03 -28.42
H13 D12 P . 9.76 7.28 -29.00
H21 D12 P . 7.20 8.42 -29.17
H22 D12 P . 8.46 8.81 -28.00
H31 D12 P . 7.60 6.90 -26.59
H32 D12 P . 6.21 6.82 -27.68
H41 D12 P . 5.68 9.17 -27.15
H42 D12 P . 7.05 9.22 -26.04
H51 D12 P . 4.38 8.23 -25.60
H52 D12 P . 5.56 6.94 -25.31
H61 D12 P . 6.77 8.96 -23.99
H62 D12 P . 5.09 9.47 -23.83
H71 D12 P . 4.76 6.92 -23.15
H72 D12 P . 6.47 7.07 -22.71
H81 D12 P . 5.25 9.36 -21.66
H82 D12 P . 5.81 7.94 -20.76
H91 D12 P . 3.69 6.97 -20.71
H92 D12 P . 3.09 7.99 -22.02
H101 D12 P . 3.81 9.84 -20.10
H102 D12 P . 2.17 9.26 -20.42
H111 D12 P . 4.07 7.90 -18.51
H112 D12 P . 2.34 7.60 -18.70
H121 D12 P . 1.77 9.37 -17.42
H122 D12 P . 3.43 9.24 -16.80
H123 D12 P . 3.05 10.40 -18.09
C1 D12 Q . 0.76 25.19 1.50
C2 D12 Q . -0.43 26.16 1.49
C3 D12 Q . -1.03 26.29 2.88
C4 D12 Q . -2.45 26.85 2.87
C5 D12 Q . -3.32 26.14 3.90
C6 D12 Q . -4.43 27.03 4.43
C7 D12 Q . -5.55 26.20 5.05
C8 D12 Q . -6.17 26.91 6.24
C9 D12 Q . -7.68 26.92 6.20
C10 D12 Q . -8.29 26.89 7.61
C11 D12 Q . -9.38 27.91 7.80
C12 D12 Q . -10.08 27.79 9.15
H11 D12 Q . 1.28 25.25 0.55
H12 D12 Q . 0.39 24.18 1.65
H13 D12 Q . 1.43 25.46 2.31
H21 D12 Q . -1.18 25.78 0.81
H22 D12 Q . -0.10 27.12 1.15
H31 D12 Q . -0.40 26.94 3.47
H32 D12 Q . -1.05 25.31 3.34
H41 D12 Q . -2.88 26.72 1.89
H42 D12 Q . -2.41 27.91 3.12
H51 D12 Q . -3.76 25.26 3.44
H52 D12 Q . -2.69 25.83 4.73
H61 D12 Q . -4.02 27.70 5.16
H62 D12 Q . -4.84 27.60 3.60
H71 D12 Q . -6.31 26.04 4.30
H72 D12 Q . -5.14 25.25 5.37
H81 D12 Q . -5.81 27.93 6.28
H82 D12 Q . -5.84 26.40 7.15
H91 D12 Q . -8.03 26.06 5.64
H92 D12 Q . -8.01 27.83 5.71
H101 D12 Q . -8.69 25.90 7.78
H102 D12 Q . -7.50 27.08 8.33
H111 D12 Q . -10.12 27.79 7.01
H112 D12 Q . -8.95 28.90 7.71
H121 D12 Q . -10.88 27.05 9.07
H122 D12 Q . -9.35 27.47 9.89
H123 D12 Q . -10.51 28.75 9.42
C1 HEX R . 0.54 26.68 9.29
C2 HEX R . -0.66 26.02 9.96
C3 HEX R . -1.56 27.04 10.63
C4 HEX R . -2.68 26.32 11.39
C5 HEX R . -4.06 26.60 10.81
C6 HEX R . -4.98 26.87 11.98
H11 HEX R . 0.23 27.14 8.36
H12 HEX R . 1.30 25.94 9.11
H13 HEX R . 0.94 27.45 9.96
H21 HEX R . -0.30 25.32 10.70
H22 HEX R . -1.22 25.49 9.21
H31 HEX R . -1.98 27.69 9.88
H32 HEX R . -0.97 27.62 11.32
H41 HEX R . -2.50 25.26 11.35
H42 HEX R . -2.66 26.65 12.42
H51 HEX R . -4.03 27.46 10.16
H52 HEX R . -4.40 25.73 10.27
H61 HEX R . -4.93 26.05 12.67
H62 HEX R . -5.99 26.99 11.61
H63 HEX R . -4.66 27.79 12.47
C1 OCT S . -7.16 22.84 -13.74
C2 OCT S . -8.55 22.25 -13.92
C3 OCT S . -9.15 21.80 -12.60
C4 OCT S . -10.67 21.92 -12.58
C5 OCT S . -11.18 22.61 -11.32
C6 OCT S . -12.09 21.71 -10.52
C7 OCT S . -13.51 21.69 -11.07
C8 OCT S . -14.53 21.72 -9.93
H11 OCT S . -7.25 23.89 -13.48
H12 OCT S . -6.66 22.32 -12.93
H13 OCT S . -6.59 22.73 -14.65
H21 OCT S . -8.48 21.39 -14.58
H22 OCT S . -9.19 23.00 -14.37
H31 OCT S . -8.88 20.77 -12.42
H32 OCT S . -8.72 22.41 -11.81
H41 OCT S . -10.99 22.48 -13.45
H42 OCT S . -11.09 20.92 -12.64
H51 OCT S . -11.73 23.50 -11.61
H52 OCT S . -10.35 22.90 -10.71
H61 OCT S . -11.70 20.70 -10.54
H62 OCT S . -12.12 22.05 -9.50
H71 OCT S . -13.66 22.55 -11.70
H72 OCT S . -13.65 20.80 -11.64
H81 OCT S . -15.53 21.68 -10.35
H82 OCT S . -14.38 20.86 -9.30
H83 OCT S . -14.40 22.63 -9.36
C27 R16 T . -14.54 24.64 -3.58
C28 R16 T . -14.52 23.29 -4.30
C29 R16 T . -13.39 23.24 -5.30
C30 R16 T . -12.49 22.03 -5.08
C31 R16 T . -11.17 22.17 -5.83
C32 R16 T . -10.01 21.50 -5.09
C33 R16 T . -8.73 21.58 -5.91
C34 R16 T . -8.72 20.48 -6.97
C35 R16 T . -7.55 19.53 -6.79
C36 R16 T . -6.20 20.15 -7.11
C37 R16 T . -6.12 20.67 -8.54
C38 R16 T . -4.87 20.21 -9.26
C39 R16 T . -3.64 20.65 -8.57
C40 R16 T . -2.48 20.46 -9.45
C41 R16 T . -2.26 21.66 -10.32
C42 R16 T . -0.80 21.89 -10.55
H271 R16 T . -15.48 24.84 -3.08
H272 R16 T . -14.36 25.47 -4.28
H273 R16 T . -13.75 24.70 -2.82
H281 R16 T . -15.49 23.12 -4.80
H282 R16 T . -14.43 22.48 -3.56
H291 R16 T . -13.79 23.22 -6.33
H292 R16 T . -12.79 24.17 -5.26
H301 R16 T . -12.31 21.89 -3.99
H302 R16 T . -13.02 21.11 -5.40
H311 R16 T . -11.27 21.75 -6.85
H312 R16 T . -10.93 23.24 -6.01
H321 R16 T . -9.87 21.97 -4.09
H322 R16 T . -10.26 20.45 -4.86
H331 R16 T . -8.62 22.58 -6.37
H332 R16 T . -7.84 21.47 -5.24
H341 R16 T . -8.71 20.94 -7.98
H342 R16 T . -9.67 19.92 -6.94
H351 R16 T . -7.69 18.62 -7.40
H352 R16 T . -7.54 19.15 -5.74
H361 R16 T . -5.40 19.39 -6.94
H362 R16 T . -5.95 20.97 -6.39
H371 R16 T . -6.17 21.78 -8.54
H372 R16 T . -7.02 20.34 -9.11
H381 R16 T . -4.88 20.57 -10.30
H382 R16 T . -4.89 19.10 -9.36
H391 R16 T . -3.73 21.71 -8.24
H392 R16 T . -3.49 20.08 -7.63
H401 R16 T . -2.61 19.56 -10.08
H402 R16 T . -1.57 20.25 -8.87
H411 R16 T . -2.73 22.56 -9.87
H412 R16 T . -2.79 21.52 -11.29
H421 R16 T . -0.20 21.62 -9.67
H422 R16 T . -0.40 21.28 -11.38
H423 R16 T . -0.57 22.94 -10.78
C1 OCT U . -1.39 26.81 -8.02
C2 OCT U . -2.88 27.05 -8.20
C3 OCT U . -3.58 27.32 -6.87
C4 OCT U . -4.96 26.68 -6.83
C5 OCT U . -5.54 26.69 -5.42
C6 OCT U . -6.59 27.77 -5.25
C7 OCT U . -7.99 27.25 -5.56
C8 OCT U . -9.05 28.09 -4.85
H11 OCT U . -1.24 25.92 -7.41
H12 OCT U . -0.94 26.64 -8.99
H13 OCT U . -0.94 27.66 -7.55
H21 OCT U . -3.33 26.18 -8.66
H22 OCT U . -3.03 27.91 -8.85
H31 OCT U . -2.98 26.91 -6.07
H32 OCT U . -3.67 28.38 -6.73
H41 OCT U . -5.63 27.23 -7.48
H42 OCT U . -4.89 25.66 -7.17
H51 OCT U . -4.73 26.87 -4.71
H52 OCT U . -5.98 25.72 -5.21
H61 OCT U . -6.57 28.12 -4.22
H62 OCT U . -6.37 28.58 -5.92
H71 OCT U . -8.15 27.30 -6.63
H72 OCT U . -8.07 26.22 -5.23
H81 OCT U . -9.00 29.11 -5.22
H82 OCT U . -10.02 27.68 -5.05
H83 OCT U . -8.85 28.08 -3.79
C1 OCT V . 11.38 -4.64 22.98
C2 OCT V . 10.79 -5.79 23.79
C3 OCT V . 9.61 -5.35 24.65
C4 OCT V . 8.49 -6.39 24.67
C5 OCT V . 7.91 -6.61 26.06
C6 OCT V . 6.85 -5.58 26.39
C7 OCT V . 5.46 -6.15 26.34
C8 OCT V . 4.97 -6.61 27.70
H11 OCT V . 10.72 -4.40 22.16
H12 OCT V . 11.48 -3.77 23.63
H13 OCT V . 12.35 -4.92 22.61
H21 OCT V . 11.55 -6.20 24.42
H22 OCT V . 10.44 -6.55 23.10
H31 OCT V . 9.96 -5.19 25.67
H32 OCT V . 9.21 -4.42 24.27
H41 OCT V . 7.71 -6.06 24.01
H42 OCT V . 8.89 -7.34 24.32
H51 OCT V . 8.71 -6.54 26.79
H52 OCT V . 7.48 -7.59 26.11
H61 OCT V . 7.04 -5.20 27.39
H62 OCT V . 6.92 -4.75 25.69
H71 OCT V . 4.78 -5.39 25.96
H72 OCT V . 5.45 -7.00 25.67
H81 OCT V . 5.77 -7.13 28.21
H82 OCT V . 4.67 -5.75 28.29
H83 OCT V . 4.13 -7.27 27.59
C1 OCT W . 7.93 9.38 19.75
C2 OCT W . 6.48 9.58 20.14
C3 OCT W . 6.28 9.66 21.65
C4 OCT W . 5.00 8.95 22.09
C5 OCT W . 4.34 9.59 23.30
C6 OCT W . 2.85 9.34 23.30
C7 OCT W . 2.14 10.14 24.38
C8 OCT W . 0.94 9.40 24.94
H11 OCT W . 8.06 9.63 18.71
H12 OCT W . 8.56 10.03 20.36
H13 OCT W . 8.22 8.35 19.92
H21 OCT W . 5.90 8.75 19.76
H22 OCT W . 6.11 10.49 19.69
H31 OCT W . 7.13 9.20 22.14
H32 OCT W . 6.23 10.70 21.94
H41 OCT W . 4.30 8.96 21.27
H42 OCT W . 5.24 7.92 22.33
H51 OCT W . 4.52 10.66 23.28
H52 OCT W . 4.78 9.18 24.20
H61 OCT W . 2.44 9.61 22.34
H62 OCT W . 2.67 8.29 23.46
H71 OCT W . 2.83 10.33 25.18
H72 OCT W . 1.82 11.08 23.96
H81 OCT W . 0.38 10.05 25.58
H82 OCT W . 0.30 9.07 24.12
H83 OCT W . 1.28 8.54 25.49
C1 OCT X . 13.87 -14.48 17.86
C2 OCT X . 12.86 -15.54 17.48
C3 OCT X . 11.94 -15.92 18.62
C4 OCT X . 10.89 -16.93 18.20
C5 OCT X . 9.59 -16.72 18.96
C6 OCT X . 8.62 -17.88 18.81
C7 OCT X . 7.83 -18.11 20.10
C8 OCT X . 6.70 -19.11 19.94
H11 OCT X . 13.80 -13.63 17.18
H12 OCT X . 13.66 -14.14 18.87
H13 OCT X . 14.87 -14.89 17.82
H21 OCT X . 13.38 -16.42 17.15
H22 OCT X . 12.25 -15.17 16.66
H31 OCT X . 12.53 -16.34 19.43
H32 OCT X . 11.43 -15.02 18.98
H41 OCT X . 10.70 -16.82 17.14
H42 OCT X . 11.26 -17.93 18.39
H51 OCT X . 9.12 -15.82 18.59
H52 OCT X . 9.82 -16.59 20.01
H61 OCT X . 7.92 -17.66 18.01
H62 OCT X . 9.16 -18.78 18.56
H71 OCT X . 8.52 -18.48 20.85
H72 OCT X . 7.42 -17.17 20.44
H81 OCT X . 5.77 -18.59 19.83
H82 OCT X . 6.89 -19.71 19.05
H83 OCT X . 6.65 -19.75 20.80
C1 D12 Y . 7.99 18.05 -5.55
C2 D12 Y . 8.14 18.43 -7.01
C3 D12 Y . 7.14 19.49 -7.46
C4 D12 Y . 7.82 20.73 -8.05
C5 D12 Y . 8.09 20.60 -9.54
C6 D12 Y . 8.59 21.91 -10.12
C7 D12 Y . 9.82 21.72 -10.98
C8 D12 Y . 10.61 23.02 -11.12
C9 D12 Y . 11.84 22.84 -11.98
C10 D12 Y . 12.15 24.07 -12.83
C11 D12 Y . 12.78 25.18 -12.01
C12 D12 Y . 14.03 25.73 -12.69
H11 D12 Y . 8.72 17.30 -5.29
H12 D12 Y . 6.99 17.65 -5.38
H13 D12 Y . 8.13 18.93 -4.94
H21 D12 Y . 7.99 17.53 -7.62
H22 D12 Y . 9.14 18.79 -7.18
H31 D12 Y . 6.57 19.79 -6.59
H32 D12 Y . 6.48 19.07 -8.19
H41 D12 Y . 8.76 20.89 -7.53
H42 D12 Y . 7.18 21.59 -7.88
H51 D12 Y . 8.84 19.83 -9.69
H52 D12 Y . 7.17 20.31 -10.04
H61 D12 Y . 7.80 22.34 -10.73
H62 D12 Y . 8.82 22.59 -9.31
H71 D12 Y . 10.47 20.98 -10.52
H72 D12 Y . 9.52 21.38 -11.97
H81 D12 Y . 10.91 23.36 -10.14
H82 D12 Y . 9.97 23.77 -11.58
H91 D12 Y . 11.69 22.00 -12.65
H92 D12 Y . 12.69 22.63 -11.34
H101 D12 Y . 12.84 23.79 -13.62
H102 D12 Y . 11.23 24.42 -13.27
H111 D12 Y . 13.04 24.80 -11.03
H112 D12 Y . 12.05 25.98 -11.89
H121 D12 Y . 13.79 25.97 -13.72
H122 D12 Y . 14.36 26.61 -12.16
H123 D12 Y . 14.81 24.97 -12.67
C1 D12 Z . 12.38 -7.13 16.46
C2 D12 Z . 13.05 -8.22 17.28
C3 D12 Z . 13.10 -7.84 18.74
C4 D12 Z . 13.49 -9.01 19.63
C5 D12 Z . 12.30 -9.88 19.98
C6 D12 Z . 12.39 -10.51 21.37
C7 D12 Z . 11.22 -11.43 21.62
C8 D12 Z . 10.75 -11.38 23.06
C9 D12 Z . 9.37 -12.00 23.22
C10 D12 Z . 8.60 -11.34 24.35
C11 D12 Z . 7.52 -12.26 24.91
C12 D12 Z . 7.05 -11.77 26.27
H11 D12 Z . 11.49 -7.53 15.97
H12 D12 Z . 13.07 -6.76 15.72
H13 D12 Z . 12.08 -6.32 17.11
H21 D12 Z . 14.06 -8.37 16.92
H22 D12 Z . 12.49 -9.14 17.17
H31 D12 Z . 12.12 -7.48 19.04
H32 D12 Z . 13.82 -7.03 18.88
H41 D12 Z . 13.93 -8.63 20.55
H42 D12 Z . 14.23 -9.60 19.11
H51 D12 Z . 11.40 -9.28 19.94
H52 D12 Z . 12.23 -10.67 19.24
H61 D12 Z . 13.32 -11.07 21.43
H62 D12 Z . 12.40 -9.72 22.10
H71 D12 Z . 10.40 -11.14 20.97
H72 D12 Z . 11.51 -12.45 21.38
H81 D12 Z . 10.70 -10.34 23.38
H82 D12 Z . 11.45 -11.91 23.68
H91 D12 Z . 9.50 -13.06 23.44
H92 D12 Z . 8.82 -11.90 22.30
H101 D12 Z . 9.29 -11.08 25.14
H102 D12 Z . 8.13 -10.45 23.97
H111 D12 Z . 7.93 -13.26 25.01
H112 D12 Z . 6.68 -12.28 24.22
H121 D12 Z . 7.00 -10.69 26.26
H122 D12 Z . 6.06 -12.17 26.47
H123 D12 Z . 7.75 -12.10 27.03
C1 HEX AA . 16.57 22.22 -8.80
C2 HEX AA . 15.18 22.02 -8.39
C3 HEX AA . 15.10 21.52 -7.02
C4 HEX AA . 13.68 21.16 -6.79
C5 HEX AA . 12.95 21.40 -5.50
C6 HEX AA . 13.35 20.52 -4.36
H11 HEX AA . 17.11 21.28 -8.74
H12 HEX AA . 17.04 22.94 -8.13
H13 HEX AA . 16.61 22.61 -9.81
H21 HEX AA . 14.72 21.28 -9.05
H22 HEX AA . 14.64 22.95 -8.47
H31 HEX AA . 15.38 22.31 -6.33
H32 HEX AA . 15.72 20.65 -6.90
H41 HEX AA . 13.10 21.68 -7.56
H42 HEX AA . 13.60 20.10 -6.99
H51 HEX AA . 13.12 22.43 -5.20
H52 HEX AA . 11.89 21.27 -5.66
H61 HEX AA . 14.38 20.74 -4.07
H62 HEX AA . 13.27 19.48 -4.66
H63 HEX AA . 12.70 20.69 -3.50
C1 OCT BA . -9.31 -0.50 -22.42
C2 OCT BA . -10.08 -1.26 -21.34
C3 OCT BA . -11.58 -1.28 -21.60
C4 OCT BA . -12.29 -0.15 -20.88
C5 OCT BA . -13.68 0.09 -21.44
C6 OCT BA . -14.64 -1.01 -21.03
C7 OCT BA . -16.08 -0.58 -21.25
C8 OCT BA . -17.05 -1.61 -20.71
H11 OCT BA . -9.43 -1.02 -23.36
H12 OCT BA . -9.70 0.50 -22.51
H13 OCT BA . -8.27 -0.46 -22.16
H21 OCT BA . -9.91 -0.77 -20.39
H22 OCT BA . -9.72 -2.27 -21.29
H31 OCT BA . -11.74 -1.17 -22.67
H32 OCT BA . -11.98 -2.21 -21.27
H41 OCT BA . -12.37 -0.39 -19.83
H42 OCT BA . -11.71 0.76 -21.00
H51 OCT BA . -13.63 0.11 -22.53
H52 OCT BA . -14.05 1.04 -21.09
H61 OCT BA . -14.43 -1.90 -21.60
H62 OCT BA . -14.49 -1.23 -19.97
H71 OCT BA . -16.24 0.37 -20.76
H72 OCT BA . -16.24 -0.46 -22.31
H81 OCT BA . -18.02 -1.45 -21.16
H82 OCT BA . -16.69 -2.60 -20.95
H83 OCT BA . -17.13 -1.50 -19.63
C1 EIC CA . -7.79 16.05 -2.46
C2 EIC CA . -6.31 15.79 -2.69
C3 EIC CA . -5.94 14.43 -3.31
C4 EIC CA . -4.79 13.76 -2.55
C5 EIC CA . -3.64 13.39 -3.48
C6 EIC CA . -2.96 12.09 -3.06
C7 EIC CA . -1.43 12.24 -3.08
C8 EIC CA . -0.87 12.42 -4.48
C9 EIC CA . 0.47 11.73 -4.57
C10 EIC CA . 1.24 11.54 -5.65
C11 EIC CA . 1.03 11.95 -7.08
C12 EIC CA . 2.33 11.72 -7.84
C13 EIC CA . 3.01 12.55 -8.63
C14 EIC CA . 2.67 13.96 -9.02
C15 EIC CA . 3.91 14.72 -9.50
C16 EIC CA . 3.56 16.05 -10.17
C17 EIC CA . 3.57 17.21 -9.17
C18 EIC CA . 3.13 18.53 -9.81
O1 EIC CA . -8.20 16.19 -1.33
O2 EIC CA . -8.49 16.10 -3.45
H21 EIC CA . -5.82 15.90 -1.70
H22 EIC CA . -5.93 16.60 -3.32
H31 EIC CA . -5.67 14.59 -4.36
H32 EIC CA . -6.83 13.79 -3.31
H41 EIC CA . -5.17 12.86 -2.06
H42 EIC CA . -4.43 14.42 -1.77
H51 EIC CA . -2.91 14.20 -3.46
H52 EIC CA . -4.00 13.29 -4.52
H61 EIC CA . -3.26 11.28 -3.74
H62 EIC CA . -3.29 11.81 -2.06
H71 EIC CA . -0.99 11.34 -2.62
H72 EIC CA . -1.15 13.10 -2.45
H81 EIC CA . -0.74 13.49 -4.69
H82 EIC CA . -1.59 12.04 -5.22
H91 EIC CA . 0.82 11.35 -3.63
H1O1 EIC CA . 2.19 11.01 -5.50
H111 EIC CA . 0.74 13.00 -7.17
H112 EIC CA . 0.20 11.35 -7.50
H121 EIC CA . 2.74 10.72 -7.67
H131 EIC CA . 3.93 12.19 -9.08
H141 EIC CA . 2.21 14.52 -8.19
H142 EIC CA . 1.92 13.95 -9.82
H151 EIC CA . 4.47 14.09 -10.20
H152 EIC CA . 4.57 14.92 -8.64
H161 EIC CA . 2.57 15.98 -10.63
H162 EIC CA . 4.28 16.26 -10.98
H171 EIC CA . 4.59 17.33 -8.76
H172 EIC CA . 2.91 16.98 -8.33
H181 EIC CA . 2.18 18.86 -9.37
H182 EIC CA . 3.88 19.32 -9.66
H183 EIC CA . 2.97 18.40 -10.89
C1 D12 DA . 28.66 -3.21 11.89
C2 D12 DA . 27.27 -3.68 12.33
C3 D12 DA . 26.49 -4.41 11.24
C4 D12 DA . 25.47 -5.40 11.81
C5 D12 DA . 24.02 -4.99 11.58
C6 D12 DA . 23.42 -5.62 10.33
C7 D12 DA . 22.07 -5.02 9.94
C8 D12 DA . 20.88 -5.75 10.57
C9 D12 DA . 19.73 -5.94 9.59
C10 D12 DA . 18.47 -6.43 10.28
C11 D12 DA . 17.23 -6.30 9.40
C12 D12 DA . 16.98 -7.55 8.57
H11 D12 DA . 29.42 -3.83 12.35
H12 D12 DA . 28.80 -2.17 12.17
H13 D12 DA . 28.74 -3.31 10.80
H21 D12 DA . 26.70 -2.81 12.64
H22 D12 DA . 27.40 -4.34 13.18
H31 D12 DA . 27.20 -4.96 10.61
H32 D12 DA . 25.98 -3.68 10.63
H41 D12 DA . 25.64 -5.50 12.87
H42 D12 DA . 25.63 -6.36 11.33
H51 D12 DA . 23.97 -3.91 11.51
H52 D12 DA . 23.43 -5.30 12.44
H61 D12 DA . 24.11 -5.46 9.51
H62 D12 DA . 23.31 -6.68 10.49
H71 D12 DA . 22.04 -3.98 10.27
H72 D12 DA . 21.96 -5.05 8.87
H81 D12 DA . 20.52 -5.18 11.42
H82 D12 DA . 21.21 -6.72 10.91
H91 D12 DA . 20.02 -6.66 8.84
H92 D12 DA . 19.52 -4.98 9.10
H101 D12 DA . 18.59 -7.47 10.55
H102 D12 DA . 18.31 -5.85 11.19
H111 D12 DA . 17.36 -5.45 8.74
H112 D12 DA . 16.37 -6.13 10.03
H121 D12 DA . 17.94 -8.00 8.30
H122 D12 DA . 16.40 -8.27 9.15
H123 D12 DA . 16.44 -7.30 7.67
K K EA . 0.01 0.00 -0.02
K K FA . 3.02 0.29 -1.41
K K GA . -5.47 -0.56 2.57
#